data_8DZP
#
_entry.id   8DZP
#
_cell.length_a   1.00
_cell.length_b   1.00
_cell.length_c   1.00
_cell.angle_alpha   90.00
_cell.angle_beta   90.00
_cell.angle_gamma   90.00
#
_symmetry.space_group_name_H-M   'P 1'
#
loop_
_entity.id
_entity.type
_entity.pdbx_description
1 polymer 'Kappa-type opioid receptor'
2 polymer 'Guanine nucleotide-binding protein G(i) subunit alpha-1'
3 polymer 'Guanine nucleotide-binding protein G(I)/G(S)/G(T) subunit beta-1'
4 polymer 'Guanine nucleotide-binding protein G(I)/G(S)/G(O) subunit gamma-2'
5 polymer 'ScFv16 protein'
6 non-polymer 'methyl (2S,4aR,6aR,7R,9S,10aS,10bR)-2-(furan-3-yl)-9-(methoxymethoxy)-6a,10b-dimethyl-4,10-dioxododecahydro-2H-naphtho[2,1-c]pyran-7-carboxylate'
#
loop_
_entity_poly.entity_id
_entity_poly.type
_entity_poly.pdbx_seq_one_letter_code
_entity_poly.pdbx_strand_id
1 'polypeptide(L)'
;LGSISPAIPVIITAVYSVVFVVGLVGNSLVMFVIIRYTKMKTATNIYIFNLALADALVTTTMPFQSTVYLMNSWPFGDVL
CKIVLSIDYYNMFTSIFTLTMMSVDRYIAVCHPVKALDFRTPLKAKIINICIWLLSSSVGISAIVLGGTKVREDVDVIEC
SLQFPDDDYSWWDLFMKICVFIFAFVIPVLIIIVCYTLMILRLKSVRLLSGSREKDRNLRRITRLVLVVVAVFVVCWTPI
HIFILVEALGSTSHSTAALSSYYFCIALGYTNSSLNPILYAFLDENFKRCFRDFCFPLKMRMERQSTS
;
A
2 'polypeptide(L)'
;MGCTLSAEDKAAVERSKMIDRNLREDGEKAAREVKLLLLGAGESGKNTIVKQMKIIHEAGYSEEECKQYKAVVYSNTIQS
IIAIIRAMGRLKIDFGDSARADDARQLFVLAGAAEEGFMTAELAGVIKRLWKDSGVQACFNRSREYQLNDSAAYYLNDLD
RIAQPNYIPTQQDVLRTRVKTTGIVETHFTFKDLHFKMFDVGAQRSERKKWIHCFEGVTAIIFCVALSDYDLVLAEDEEM
NRMHASMKLFDSICNNKWFTDTSIILFLNKKDLFEEKIKKSPLTICYPEYAGSNTYEEAAAYIQCQFEDLNKRKDTKEIY
THFTCSTDTKNVQFVFDAVTDVIIKNNLKDCGLF
;
B
3 'polypeptide(L)'
;GSELDQLRQEAEQLKNQIRDARKACADATLSQITNNIDPVGRIQMRTRRTLRGHLAKIYAMHWGTDSRLLVSASQDGKLI
IWDSYTTNKVHAIPLRSSWVMTCAYAPSGNYVACGGLDNICSIYNLKTREGNVRVSRELAGHTGYLSCCRFLDDNQIVTS
SGDTTCALWDIETGQQTTTFTGHTGDVMSLSLAPDTRLFVSGACDASAKLWDVREGMCRQTFTGHESDINAICFFPNGNA
FATGSDDATCRLFDLRADQELMTYSHDNIICGITSVSFSKSGRLLLAGYDDFNCNVWDALKADRAGVLAGHDNRVSCLGV
TDDGMAVATGSWDSFLKIWN
;
C
4 'polypeptide(L)' MASNNTASIAQARKLVEQLKMEANIDRIKVSKAAADLMAYCEAHAKEDPLLTPVPASENPFREKKFFCAIL D
5 'polypeptide(L)'
;DVQLVESGGGLVQPGGSRKLSCSASGFAFSSFGMHWVRQAPEKGLEWVAYISSGSGTIYYADTVKGRFTISRDDPKNTLF
LQMTSLRSEDTAMYYCVRSIYYYGSSPFDFWGQGTTLTVSSGGGGSGGGGSGGGGSDIVMTQATSSVPVTPGESVSISCR
SSKSLLHSNGNTYLYWFLQRPGQSPQLLIYRMSNLASGVPDRFSGSGSGTAFTLTISRLEAEDVGVYYCMQHLEYPLTFG
AGTKLELKAAA
;
E
#
loop_
_chem_comp.id
_chem_comp.type
_chem_comp.name
_chem_comp.formula
U99 non-polymer 'methyl (2S,4aR,6aR,7R,9S,10aS,10bR)-2-(furan-3-yl)-9-(methoxymethoxy)-6a,10b-dimethyl-4,10-dioxododecahydro-2H-naphtho[2,1-c]pyran-7-carboxylate' 'C23 H30 O8'
#
# COMPACT_ATOMS: atom_id res chain seq x y z
N ALA A 7 -20.16 51.40 -38.73
CA ALA A 7 -18.77 51.74 -38.44
C ALA A 7 -18.47 51.61 -36.95
N ILE A 8 -17.58 52.46 -36.47
CA ILE A 8 -17.02 52.56 -35.11
C ILE A 8 -16.72 51.17 -34.55
N PRO A 9 -15.64 50.52 -35.00
CA PRO A 9 -15.42 49.11 -34.62
C PRO A 9 -14.80 48.92 -33.25
N VAL A 10 -14.84 49.92 -32.37
CA VAL A 10 -14.28 49.79 -31.03
C VAL A 10 -15.07 48.85 -30.15
N ILE A 11 -16.30 48.49 -30.54
CA ILE A 11 -17.14 47.60 -29.74
C ILE A 11 -16.62 46.18 -29.69
N ILE A 12 -15.61 45.84 -30.48
CA ILE A 12 -14.88 44.59 -30.33
C ILE A 12 -14.13 44.52 -29.00
N THR A 13 -13.99 45.65 -28.30
CA THR A 13 -13.54 45.63 -26.90
C THR A 13 -14.44 44.75 -26.03
N ALA A 14 -15.70 44.58 -26.47
CA ALA A 14 -16.63 43.67 -25.79
C ALA A 14 -16.09 42.25 -25.73
N VAL A 15 -15.41 41.77 -26.78
CA VAL A 15 -14.89 40.40 -26.68
C VAL A 15 -13.68 40.38 -25.76
N TYR A 16 -12.99 41.51 -25.59
CA TYR A 16 -12.00 41.65 -24.53
C TYR A 16 -12.60 41.55 -23.14
N SER A 17 -13.92 41.64 -23.02
CA SER A 17 -14.56 41.18 -21.79
C SER A 17 -14.82 39.68 -21.82
N VAL A 18 -15.37 39.19 -22.94
CA VAL A 18 -15.98 37.85 -22.98
C VAL A 18 -14.93 36.78 -22.74
N VAL A 19 -13.94 36.68 -23.64
CA VAL A 19 -12.87 35.69 -23.48
C VAL A 19 -11.92 36.11 -22.36
N PHE A 20 -12.17 37.26 -21.73
CA PHE A 20 -11.59 37.53 -20.43
C PHE A 20 -12.22 36.67 -19.36
N VAL A 21 -13.54 36.82 -19.15
CA VAL A 21 -14.17 36.26 -17.95
C VAL A 21 -14.21 34.74 -18.03
N VAL A 22 -14.56 34.18 -19.20
CA VAL A 22 -14.58 32.73 -19.35
C VAL A 22 -13.16 32.16 -19.27
N GLY A 23 -12.14 33.01 -19.46
CA GLY A 23 -10.79 32.60 -19.12
C GLY A 23 -10.66 32.43 -17.62
N LEU A 24 -10.98 33.49 -16.87
CA LEU A 24 -10.80 33.45 -15.42
C LEU A 24 -11.80 32.51 -14.76
N VAL A 25 -12.99 32.37 -15.33
CA VAL A 25 -13.91 31.32 -14.88
C VAL A 25 -13.32 29.94 -15.20
N GLY A 26 -12.72 29.79 -16.37
CA GLY A 26 -12.24 28.50 -16.81
C GLY A 26 -11.01 27.98 -16.08
N ASN A 27 -9.87 28.66 -16.28
CA ASN A 27 -8.58 28.14 -15.85
C ASN A 27 -8.51 27.95 -14.34
N SER A 28 -9.04 28.93 -13.58
CA SER A 28 -9.07 28.82 -12.13
C SER A 28 -9.87 27.60 -11.70
N LEU A 29 -10.99 27.33 -12.39
CA LEU A 29 -11.80 26.15 -12.08
C LEU A 29 -11.02 24.86 -12.32
N VAL A 30 -10.03 24.89 -13.22
CA VAL A 30 -9.17 23.74 -13.43
C VAL A 30 -8.41 23.42 -12.13
N MET A 31 -7.87 24.44 -11.47
CA MET A 31 -7.25 24.19 -10.16
C MET A 31 -8.28 23.80 -9.12
N PHE A 32 -9.55 24.16 -9.31
CA PHE A 32 -10.61 23.63 -8.46
C PHE A 32 -10.69 22.11 -8.58
N VAL A 33 -10.51 21.59 -9.79
CA VAL A 33 -10.40 20.15 -9.97
C VAL A 33 -9.16 19.62 -9.26
N ILE A 34 -8.08 20.41 -9.25
CA ILE A 34 -6.93 20.08 -8.42
C ILE A 34 -7.29 20.17 -6.95
N ILE A 35 -8.13 21.15 -6.60
CA ILE A 35 -8.53 21.31 -5.20
C ILE A 35 -9.46 20.18 -4.78
N ARG A 36 -10.43 19.83 -5.62
CA ARG A 36 -11.47 18.87 -5.25
C ARG A 36 -11.17 17.45 -5.73
N TYR A 37 -11.05 17.26 -7.04
CA TYR A 37 -11.08 15.93 -7.63
C TYR A 37 -9.70 15.31 -7.83
N THR A 38 -8.85 15.95 -8.62
CA THR A 38 -7.61 15.34 -9.07
C THR A 38 -6.41 15.83 -8.25
N LYS A 39 -5.34 15.04 -8.29
CA LYS A 39 -4.09 15.35 -7.60
C LYS A 39 -2.94 15.18 -8.58
N MET A 40 -1.72 15.43 -8.10
CA MET A 40 -0.52 15.31 -8.93
C MET A 40 0.04 13.89 -8.87
N LYS A 41 -0.81 12.93 -9.21
CA LYS A 41 -0.46 11.52 -9.21
C LYS A 41 -0.08 10.99 -10.58
N THR A 42 -0.05 11.86 -11.60
CA THR A 42 0.26 11.44 -12.96
C THR A 42 0.85 12.62 -13.70
N ALA A 43 1.47 12.31 -14.86
CA ALA A 43 2.13 13.34 -15.64
C ALA A 43 1.12 14.29 -16.28
N THR A 44 -0.01 13.76 -16.74
CA THR A 44 -0.99 14.58 -17.45
C THR A 44 -1.65 15.61 -16.52
N ASN A 45 -1.81 15.29 -15.23
CA ASN A 45 -2.34 16.28 -14.30
C ASN A 45 -1.35 17.42 -14.09
N ILE A 46 -0.06 17.11 -14.04
CA ILE A 46 0.98 18.12 -13.93
C ILE A 46 0.97 19.02 -15.16
N TYR A 47 0.83 18.42 -16.35
CA TYR A 47 0.83 19.21 -17.58
C TYR A 47 -0.41 20.09 -17.66
N ILE A 48 -1.58 19.56 -17.25
CA ILE A 48 -2.81 20.34 -17.26
C ILE A 48 -2.72 21.49 -16.24
N PHE A 49 -2.11 21.24 -15.09
CA PHE A 49 -1.93 22.29 -14.08
C PHE A 49 -1.02 23.41 -14.62
N ASN A 50 0.08 23.04 -15.26
CA ASN A 50 0.97 24.04 -15.84
C ASN A 50 0.29 24.83 -16.94
N LEU A 51 -0.47 24.15 -17.80
CA LEU A 51 -1.17 24.82 -18.89
C LEU A 51 -2.24 25.77 -18.35
N ALA A 52 -2.98 25.34 -17.33
CA ALA A 52 -4.03 26.18 -16.75
C ALA A 52 -3.44 27.41 -16.06
N LEU A 53 -2.33 27.23 -15.34
CA LEU A 53 -1.68 28.38 -14.70
C LEU A 53 -1.16 29.37 -15.74
N ALA A 54 -0.51 28.87 -16.80
CA ALA A 54 -0.01 29.75 -17.84
C ALA A 54 -1.14 30.46 -18.58
N ASP A 55 -2.25 29.76 -18.81
CA ASP A 55 -3.38 30.36 -19.51
C ASP A 55 -4.06 31.42 -18.65
N ALA A 56 -4.19 31.18 -17.34
CA ALA A 56 -4.76 32.20 -16.46
C ALA A 56 -3.85 33.42 -16.39
N LEU A 57 -2.53 33.21 -16.36
CA LEU A 57 -1.59 34.32 -16.36
C LEU A 57 -1.64 35.09 -17.68
N VAL A 58 -1.91 34.40 -18.79
CA VAL A 58 -2.09 35.08 -20.07
C VAL A 58 -3.35 35.93 -20.04
N THR A 59 -4.47 35.35 -19.60
CA THR A 59 -5.75 36.08 -19.58
C THR A 59 -5.78 37.20 -18.56
N THR A 60 -4.86 37.21 -17.59
CA THR A 60 -4.73 38.35 -16.69
C THR A 60 -4.35 39.63 -17.44
N THR A 61 -3.60 39.51 -18.53
CA THR A 61 -3.01 40.65 -19.22
C THR A 61 -4.01 41.39 -20.11
N MET A 62 -5.16 40.77 -20.39
CA MET A 62 -6.12 41.32 -21.35
C MET A 62 -6.65 42.74 -21.09
N PRO A 63 -7.01 43.14 -19.85
CA PRO A 63 -7.52 44.52 -19.68
C PRO A 63 -6.54 45.61 -20.04
N PHE A 64 -5.23 45.35 -19.90
CA PHE A 64 -4.22 46.34 -20.26
C PHE A 64 -4.27 46.67 -21.75
N GLN A 65 -4.23 45.63 -22.59
CA GLN A 65 -4.28 45.88 -24.02
C GLN A 65 -5.67 46.30 -24.50
N SER A 66 -6.73 45.96 -23.75
CA SER A 66 -8.03 46.55 -24.09
C SER A 66 -8.01 48.05 -23.87
N THR A 67 -7.37 48.50 -22.78
CA THR A 67 -7.21 49.92 -22.52
C THR A 67 -6.37 50.60 -23.59
N VAL A 68 -5.29 49.93 -24.04
CA VAL A 68 -4.48 50.49 -25.12
C VAL A 68 -5.26 50.53 -26.43
N TYR A 69 -6.16 49.58 -26.66
CA TYR A 69 -6.99 49.65 -27.87
C TYR A 69 -7.99 50.80 -27.79
N LEU A 70 -8.62 50.99 -26.63
CA LEU A 70 -9.63 52.04 -26.50
C LEU A 70 -9.00 53.42 -26.60
N MET A 71 -7.94 53.67 -25.83
CA MET A 71 -7.24 54.95 -25.86
C MET A 71 -5.79 54.68 -26.28
N ASN A 72 -5.34 55.40 -27.30
CA ASN A 72 -4.08 55.10 -27.99
C ASN A 72 -2.91 55.71 -27.22
N SER A 73 -2.66 55.16 -26.04
CA SER A 73 -1.54 55.58 -25.20
C SER A 73 -1.23 54.46 -24.22
N TRP A 74 -0.24 54.69 -23.37
CA TRP A 74 0.18 53.72 -22.36
C TRP A 74 0.20 54.42 -21.01
N PRO A 75 -0.95 54.47 -20.31
CA PRO A 75 -1.01 55.09 -18.97
C PRO A 75 -0.64 54.11 -17.85
N PHE A 76 0.51 53.45 -18.00
CA PHE A 76 0.91 52.45 -17.02
C PHE A 76 2.36 52.54 -16.58
N GLY A 77 3.22 53.30 -17.26
CA GLY A 77 4.58 53.50 -16.82
C GLY A 77 5.60 52.84 -17.73
N ASP A 78 6.76 52.56 -17.16
CA ASP A 78 7.86 51.92 -17.88
C ASP A 78 8.27 50.60 -17.25
N VAL A 79 8.48 50.57 -15.93
CA VAL A 79 8.81 49.32 -15.24
C VAL A 79 7.64 48.35 -15.32
N LEU A 80 6.42 48.86 -15.15
CA LEU A 80 5.23 48.03 -15.31
C LEU A 80 5.10 47.52 -16.74
N CYS A 81 5.47 48.35 -17.73
CA CYS A 81 5.46 47.92 -19.12
C CYS A 81 6.42 46.76 -19.35
N LYS A 82 7.64 46.87 -18.82
CA LYS A 82 8.62 45.79 -18.96
C LYS A 82 8.14 44.51 -18.26
N ILE A 83 7.59 44.65 -17.05
CA ILE A 83 7.15 43.49 -16.28
C ILE A 83 6.00 42.78 -16.98
N VAL A 84 5.01 43.55 -17.46
CA VAL A 84 3.85 42.95 -18.10
C VAL A 84 4.24 42.30 -19.43
N LEU A 85 5.11 42.95 -20.21
CA LEU A 85 5.58 42.37 -21.46
C LEU A 85 6.35 41.07 -21.24
N SER A 86 7.22 41.05 -20.21
CA SER A 86 7.98 39.85 -19.91
C SER A 86 7.07 38.71 -19.43
N ILE A 87 6.08 39.04 -18.61
CA ILE A 87 5.11 38.06 -18.15
C ILE A 87 4.33 37.47 -19.32
N ASP A 88 3.94 38.33 -20.27
CA ASP A 88 3.17 37.88 -21.43
C ASP A 88 3.99 36.93 -22.29
N TYR A 89 5.25 37.30 -22.59
CA TYR A 89 6.11 36.43 -23.40
C TYR A 89 6.39 35.11 -22.69
N TYR A 90 6.67 35.19 -21.38
CA TYR A 90 6.93 34.01 -20.55
C TYR A 90 5.78 33.02 -20.61
N ASN A 91 4.56 33.50 -20.36
CA ASN A 91 3.43 32.58 -20.29
C ASN A 91 2.98 32.11 -21.67
N MET A 92 3.20 32.92 -22.71
CA MET A 92 2.93 32.45 -24.07
C MET A 92 3.82 31.26 -24.45
N PHE A 93 5.13 31.39 -24.22
CA PHE A 93 6.01 30.26 -24.51
C PHE A 93 5.74 29.07 -23.60
N THR A 94 5.37 29.33 -22.33
CA THR A 94 5.06 28.23 -21.42
C THR A 94 3.85 27.44 -21.90
N SER A 95 2.79 28.13 -22.33
CA SER A 95 1.60 27.46 -22.82
C SER A 95 1.89 26.66 -24.10
N ILE A 96 2.68 27.26 -25.01
CA ILE A 96 2.99 26.58 -26.28
C ILE A 96 3.81 25.32 -26.02
N PHE A 97 4.82 25.42 -25.16
CA PHE A 97 5.69 24.28 -24.90
C PHE A 97 4.97 23.18 -24.12
N THR A 98 4.07 23.57 -23.20
CA THR A 98 3.29 22.57 -22.47
C THR A 98 2.33 21.83 -23.39
N LEU A 99 1.71 22.55 -24.34
CA LEU A 99 0.88 21.91 -25.36
C LEU A 99 1.68 20.90 -26.18
N THR A 100 2.85 21.33 -26.66
CA THR A 100 3.68 20.48 -27.51
C THR A 100 4.14 19.22 -26.77
N MET A 101 4.55 19.37 -25.52
CA MET A 101 5.03 18.23 -24.77
C MET A 101 3.89 17.35 -24.26
N MET A 102 2.67 17.89 -24.14
CA MET A 102 1.50 17.02 -23.97
C MET A 102 1.30 16.12 -25.18
N SER A 103 1.47 16.68 -26.38
CA SER A 103 1.37 15.87 -27.60
C SER A 103 2.46 14.80 -27.64
N VAL A 104 3.68 15.16 -27.23
CA VAL A 104 4.78 14.19 -27.19
C VAL A 104 4.49 13.09 -26.17
N ASP A 105 3.89 13.46 -25.03
CA ASP A 105 3.51 12.46 -24.03
C ASP A 105 2.48 11.48 -24.57
N ARG A 106 1.47 11.98 -25.29
CA ARG A 106 0.47 11.09 -25.89
C ARG A 106 1.11 10.18 -26.94
N TYR A 107 2.04 10.71 -27.73
CA TYR A 107 2.74 9.89 -28.73
C TYR A 107 3.54 8.78 -28.07
N ILE A 108 4.26 9.09 -27.00
CA ILE A 108 5.06 8.07 -26.33
C ILE A 108 4.17 7.04 -25.65
N ALA A 109 3.03 7.49 -25.11
CA ALA A 109 2.10 6.57 -24.45
C ALA A 109 1.50 5.57 -25.45
N VAL A 110 1.18 6.02 -26.66
CA VAL A 110 0.54 5.11 -27.62
C VAL A 110 1.57 4.33 -28.42
N CYS A 111 2.55 4.99 -29.02
CA CYS A 111 3.44 4.34 -29.98
C CYS A 111 4.58 3.57 -29.33
N HIS A 112 4.94 3.88 -28.09
CA HIS A 112 6.01 3.18 -27.38
C HIS A 112 5.53 2.76 -25.99
N PRO A 113 4.62 1.78 -25.91
CA PRO A 113 4.08 1.41 -24.60
C PRO A 113 4.92 0.38 -23.87
N VAL A 114 6.24 0.53 -23.91
CA VAL A 114 7.15 -0.27 -23.10
C VAL A 114 8.07 0.70 -22.37
N LYS A 115 8.69 1.60 -23.13
CA LYS A 115 9.51 2.65 -22.54
C LYS A 115 8.68 3.70 -21.82
N ALA A 116 7.39 3.79 -22.14
CA ALA A 116 6.50 4.73 -21.45
C ALA A 116 6.24 4.32 -20.01
N LEU A 117 6.48 3.05 -19.66
CA LEU A 117 6.35 2.63 -18.27
C LEU A 117 7.41 3.29 -17.38
N ASP A 118 8.57 3.61 -17.95
CA ASP A 118 9.64 4.30 -17.25
C ASP A 118 9.65 5.80 -17.49
N PHE A 119 9.36 6.24 -18.72
CA PHE A 119 9.43 7.66 -19.05
C PHE A 119 8.28 8.43 -18.42
N ARG A 120 7.06 7.91 -18.52
CA ARG A 120 5.87 8.65 -18.08
C ARG A 120 5.72 8.46 -16.56
N THR A 121 6.52 9.22 -15.84
CA THR A 121 6.50 9.28 -14.38
C THR A 121 6.38 10.73 -13.96
N PRO A 122 5.83 10.99 -12.76
CA PRO A 122 5.76 12.37 -12.27
C PRO A 122 7.11 13.04 -12.12
N LEU A 123 8.17 12.28 -11.83
CA LEU A 123 9.51 12.86 -11.67
C LEU A 123 10.01 13.43 -12.99
N LYS A 124 9.95 12.64 -14.07
CA LYS A 124 10.38 13.13 -15.36
C LYS A 124 9.45 14.22 -15.90
N ALA A 125 8.17 14.15 -15.55
CA ALA A 125 7.24 15.20 -15.92
C ALA A 125 7.63 16.53 -15.28
N LYS A 126 7.96 16.49 -13.98
CA LYS A 126 8.41 17.70 -13.28
C LYS A 126 9.74 18.20 -13.85
N ILE A 127 10.63 17.28 -14.21
CA ILE A 127 11.93 17.67 -14.78
C ILE A 127 11.74 18.38 -16.11
N ILE A 128 10.88 17.83 -16.97
CA ILE A 128 10.64 18.44 -18.28
C ILE A 128 9.91 19.77 -18.14
N ASN A 129 8.99 19.87 -17.17
CA ASN A 129 8.32 21.15 -16.92
C ASN A 129 9.30 22.20 -16.42
N ILE A 130 10.24 21.80 -15.55
CA ILE A 130 11.27 22.73 -15.07
C ILE A 130 12.16 23.18 -16.21
N CYS A 131 12.52 22.26 -17.12
CA CYS A 131 13.30 22.62 -18.28
C CYS A 131 12.53 23.59 -19.20
N ILE A 132 11.22 23.39 -19.33
CA ILE A 132 10.40 24.29 -20.14
C ILE A 132 10.35 25.69 -19.53
N TRP A 133 10.17 25.75 -18.20
CA TRP A 133 10.16 27.04 -17.51
C TRP A 133 11.51 27.73 -17.62
N LEU A 134 12.60 26.96 -17.55
CA LEU A 134 13.94 27.54 -17.67
C LEU A 134 14.20 28.05 -19.09
N LEU A 135 13.70 27.34 -20.10
CA LEU A 135 13.85 27.79 -21.48
C LEU A 135 13.06 29.06 -21.73
N SER A 136 11.85 29.16 -21.16
CA SER A 136 11.08 30.40 -21.28
C SER A 136 11.65 31.53 -20.44
N SER A 137 12.41 31.21 -19.38
CA SER A 137 13.05 32.23 -18.56
C SER A 137 14.09 33.03 -19.33
N SER A 138 14.65 32.47 -20.40
CA SER A 138 15.60 33.22 -21.22
C SER A 138 14.93 34.41 -21.90
N VAL A 139 13.78 34.18 -22.55
CA VAL A 139 13.08 35.30 -23.16
C VAL A 139 12.38 36.16 -22.11
N GLY A 140 12.07 35.60 -20.94
CA GLY A 140 11.58 36.45 -19.85
C GLY A 140 12.62 37.45 -19.39
N ILE A 141 13.87 37.00 -19.22
CA ILE A 141 14.97 37.88 -18.86
C ILE A 141 15.24 38.87 -20.00
N SER A 142 15.20 38.40 -21.25
CA SER A 142 15.48 39.27 -22.38
C SER A 142 14.38 40.32 -22.57
N ALA A 143 13.17 40.04 -22.11
CA ALA A 143 12.11 41.06 -22.16
C ALA A 143 12.14 41.97 -20.95
N ILE A 144 12.65 41.49 -19.81
CA ILE A 144 12.90 42.38 -18.68
C ILE A 144 13.97 43.41 -19.04
N VAL A 145 15.05 42.95 -19.66
CA VAL A 145 16.17 43.84 -19.94
C VAL A 145 15.85 44.77 -21.11
N LEU A 146 15.60 44.19 -22.29
CA LEU A 146 15.46 44.98 -23.51
C LEU A 146 14.11 45.67 -23.64
N GLY A 147 13.17 45.41 -22.75
CA GLY A 147 11.89 46.09 -22.80
C GLY A 147 12.02 47.54 -22.37
N GLY A 148 10.98 48.32 -22.66
CA GLY A 148 11.01 49.72 -22.31
C GLY A 148 9.82 50.45 -22.90
N THR A 149 9.90 51.77 -22.83
CA THR A 149 8.83 52.67 -23.24
C THR A 149 9.42 53.77 -24.12
N LYS A 150 8.77 54.06 -25.24
CA LYS A 150 9.25 55.07 -26.17
C LYS A 150 8.11 56.02 -26.54
N VAL A 151 8.49 57.18 -27.07
CA VAL A 151 7.54 58.20 -27.53
C VAL A 151 7.76 58.40 -29.01
N ARG A 152 6.69 58.23 -29.80
CA ARG A 152 6.77 58.38 -31.25
C ARG A 152 6.93 59.85 -31.65
N ASP A 156 3.36 61.30 -31.10
CA ASP A 156 2.53 61.92 -30.08
C ASP A 156 1.86 60.88 -29.20
N VAL A 157 2.21 59.61 -29.43
CA VAL A 157 1.64 58.50 -28.67
C VAL A 157 2.74 57.85 -27.84
N ILE A 158 2.37 56.87 -27.02
CA ILE A 158 3.30 56.18 -26.14
C ILE A 158 3.32 54.71 -26.54
N GLU A 159 4.53 54.19 -26.78
CA GLU A 159 4.71 52.82 -27.25
C GLU A 159 5.35 51.99 -26.12
N CYS A 160 4.72 50.88 -25.79
CA CYS A 160 5.24 49.93 -24.80
C CYS A 160 5.59 48.65 -25.56
N SER A 161 6.87 48.50 -25.88
CA SER A 161 7.34 47.35 -26.64
C SER A 161 8.82 47.14 -26.33
N LEU A 162 9.38 46.09 -26.91
CA LEU A 162 10.81 45.81 -26.74
C LEU A 162 11.61 46.84 -27.52
N GLN A 163 12.47 47.57 -26.81
CA GLN A 163 13.18 48.72 -27.36
C GLN A 163 14.59 48.33 -27.80
N PHE A 164 14.96 48.75 -28.99
CA PHE A 164 16.26 48.49 -29.58
C PHE A 164 16.84 49.80 -30.11
N PRO A 165 18.18 49.94 -30.14
CA PRO A 165 18.79 51.18 -30.65
C PRO A 165 18.54 51.38 -32.13
N ASP A 166 17.78 52.42 -32.48
CA ASP A 166 17.48 52.72 -33.87
C ASP A 166 18.58 53.50 -34.58
N ASP A 167 19.54 54.05 -33.82
CA ASP A 167 20.65 54.76 -34.46
C ASP A 167 21.57 53.80 -35.20
N ASP A 168 21.84 52.64 -34.62
CA ASP A 168 22.66 51.63 -35.26
C ASP A 168 22.22 50.25 -34.78
N TYR A 169 22.29 49.28 -35.70
CA TYR A 169 21.90 47.88 -35.47
C TYR A 169 20.44 47.79 -34.99
N SER A 170 19.54 48.22 -35.86
CA SER A 170 18.10 48.18 -35.59
C SER A 170 17.45 46.89 -36.08
N TRP A 171 18.23 45.94 -36.60
CA TRP A 171 17.71 44.70 -37.13
C TRP A 171 17.55 43.61 -36.08
N TRP A 172 17.90 43.89 -34.82
CA TRP A 172 17.77 42.89 -33.77
C TRP A 172 16.31 42.58 -33.45
N ASP A 173 15.41 43.52 -33.72
CA ASP A 173 13.98 43.28 -33.49
C ASP A 173 13.42 42.27 -34.48
N LEU A 174 13.83 42.35 -35.75
CA LEU A 174 13.35 41.40 -36.76
C LEU A 174 13.89 40.01 -36.50
N PHE A 175 15.14 39.90 -36.03
CA PHE A 175 15.69 38.60 -35.66
C PHE A 175 14.93 38.01 -34.47
N MET A 176 14.53 38.86 -33.52
CA MET A 176 13.69 38.41 -32.41
C MET A 176 12.35 37.90 -32.90
N LYS A 177 11.74 38.61 -33.86
CA LYS A 177 10.45 38.17 -34.42
C LYS A 177 10.58 36.84 -35.14
N ILE A 178 11.67 36.66 -35.90
CA ILE A 178 11.89 35.39 -36.59
C ILE A 178 12.14 34.27 -35.60
N CYS A 179 12.88 34.55 -34.53
CA CYS A 179 13.16 33.53 -33.52
C CYS A 179 11.90 33.10 -32.79
N VAL A 180 11.02 34.06 -32.44
CA VAL A 180 9.81 33.66 -31.73
C VAL A 180 8.80 33.03 -32.69
N PHE A 181 8.88 33.35 -33.99
CA PHE A 181 8.07 32.63 -34.97
C PHE A 181 8.52 31.18 -35.10
N ILE A 182 9.83 30.95 -35.08
CA ILE A 182 10.37 29.59 -35.23
C ILE A 182 10.05 28.77 -33.99
N PHE A 183 10.30 29.33 -32.80
CA PHE A 183 10.14 28.58 -31.55
C PHE A 183 8.76 28.69 -30.95
N ALA A 184 7.84 29.44 -31.58
CA ALA A 184 6.48 29.57 -31.08
C ALA A 184 5.43 28.96 -31.99
N PHE A 185 5.69 28.88 -33.30
CA PHE A 185 4.71 28.37 -34.24
C PHE A 185 5.19 27.15 -34.99
N VAL A 186 6.36 27.20 -35.63
CA VAL A 186 6.72 26.21 -36.65
C VAL A 186 7.02 24.86 -36.00
N ILE A 187 7.99 24.84 -35.08
CA ILE A 187 8.35 23.59 -34.42
C ILE A 187 7.22 23.00 -33.57
N PRO A 188 6.48 23.77 -32.75
CA PRO A 188 5.33 23.17 -32.05
C PRO A 188 4.25 22.60 -32.96
N VAL A 189 3.88 23.30 -34.03
CA VAL A 189 2.85 22.78 -34.95
C VAL A 189 3.36 21.52 -35.64
N LEU A 190 4.62 21.52 -36.08
CA LEU A 190 5.18 20.35 -36.73
C LEU A 190 5.21 19.15 -35.80
N ILE A 191 5.60 19.37 -34.53
CA ILE A 191 5.70 18.28 -33.58
C ILE A 191 4.31 17.73 -33.24
N ILE A 192 3.32 18.60 -33.02
CA ILE A 192 1.99 18.10 -32.69
C ILE A 192 1.37 17.38 -33.89
N ILE A 193 1.64 17.85 -35.12
CA ILE A 193 1.13 17.18 -36.31
C ILE A 193 1.73 15.78 -36.45
N VAL A 194 3.06 15.66 -36.33
CA VAL A 194 3.68 14.36 -36.54
C VAL A 194 3.34 13.40 -35.41
N CYS A 195 3.31 13.90 -34.16
CA CYS A 195 3.00 13.05 -33.01
C CYS A 195 1.57 12.54 -33.08
N TYR A 196 0.62 13.42 -33.41
CA TYR A 196 -0.77 13.00 -33.45
C TYR A 196 -1.07 12.14 -34.66
N THR A 197 -0.39 12.39 -35.79
CA THR A 197 -0.58 11.54 -36.96
C THR A 197 -0.08 10.13 -36.72
N LEU A 198 1.14 10.00 -36.17
CA LEU A 198 1.64 8.66 -35.85
C LEU A 198 0.81 7.99 -34.75
N MET A 199 0.30 8.78 -33.81
CA MET A 199 -0.60 8.24 -32.78
C MET A 199 -1.86 7.65 -33.37
N ILE A 200 -2.51 8.37 -34.28
CA ILE A 200 -3.76 7.89 -34.87
C ILE A 200 -3.50 6.71 -35.80
N LEU A 201 -2.41 6.75 -36.57
CA LEU A 201 -2.08 5.63 -37.44
C LEU A 201 -1.69 4.38 -36.64
N ARG A 202 -1.14 4.54 -35.45
CA ARG A 202 -0.92 3.37 -34.60
C ARG A 202 -2.22 2.88 -34.00
N LEU A 203 -3.09 3.79 -33.56
CA LEU A 203 -4.36 3.40 -32.95
C LEU A 203 -5.31 2.75 -33.93
N LYS A 204 -5.12 2.97 -35.24
CA LYS A 204 -5.92 2.26 -36.23
C LYS A 204 -5.66 0.76 -36.21
N SER A 205 -4.45 0.34 -35.86
CA SER A 205 -4.05 -1.06 -35.92
C SER A 205 -4.29 -1.82 -34.61
N VAL A 206 -4.74 -1.15 -33.55
CA VAL A 206 -5.01 -1.84 -32.29
C VAL A 206 -6.28 -2.67 -32.42
N ARG A 207 -6.24 -3.90 -31.90
CA ARG A 207 -7.40 -4.78 -31.99
C ARG A 207 -8.55 -4.27 -31.12
N LEU A 208 -8.26 -3.81 -29.91
CA LEU A 208 -9.21 -2.99 -29.19
C LEU A 208 -9.26 -1.60 -29.83
N LEU A 209 -10.35 -0.87 -29.54
CA LEU A 209 -10.65 0.48 -30.02
C LEU A 209 -10.91 0.52 -31.52
N SER A 210 -10.83 -0.62 -32.23
CA SER A 210 -11.14 -0.67 -33.65
C SER A 210 -11.90 -1.93 -34.03
N GLY A 211 -12.60 -2.57 -33.08
CA GLY A 211 -13.29 -3.80 -33.37
C GLY A 211 -14.62 -3.65 -34.08
N SER A 212 -15.60 -3.04 -33.41
CA SER A 212 -16.94 -2.90 -33.96
C SER A 212 -17.72 -1.88 -33.15
N ARG A 213 -18.49 -1.03 -33.86
CA ARG A 213 -19.49 -0.14 -33.30
C ARG A 213 -18.93 0.85 -32.29
N GLU A 214 -19.02 0.52 -31.00
CA GLU A 214 -18.63 1.44 -29.94
C GLU A 214 -17.13 1.71 -29.95
N LYS A 215 -16.33 0.70 -30.31
CA LYS A 215 -14.89 0.91 -30.40
C LYS A 215 -14.53 1.90 -31.51
N ASP A 216 -15.19 1.79 -32.67
CA ASP A 216 -14.98 2.75 -33.74
C ASP A 216 -15.51 4.12 -33.36
N ARG A 217 -16.59 4.18 -32.58
CA ARG A 217 -17.10 5.46 -32.09
C ARG A 217 -16.10 6.14 -31.17
N ASN A 218 -15.47 5.36 -30.27
CA ASN A 218 -14.45 5.93 -29.39
C ASN A 218 -13.21 6.37 -30.16
N LEU A 219 -12.81 5.59 -31.18
CA LEU A 219 -11.69 6.00 -32.03
C LEU A 219 -11.99 7.29 -32.78
N ARG A 220 -13.23 7.42 -33.28
CA ARG A 220 -13.64 8.66 -33.95
C ARG A 220 -13.66 9.83 -32.99
N ARG A 221 -14.06 9.59 -31.72
CA ARG A 221 -14.03 10.64 -30.72
C ARG A 221 -12.61 11.12 -30.45
N ILE A 222 -11.66 10.17 -30.32
CA ILE A 222 -10.26 10.52 -30.11
C ILE A 222 -9.72 11.31 -31.30
N THR A 223 -10.02 10.85 -32.52
CA THR A 223 -9.54 11.53 -33.71
C THR A 223 -10.11 12.94 -33.84
N ARG A 224 -11.40 13.10 -33.52
CA ARG A 224 -12.02 14.43 -33.57
C ARG A 224 -11.44 15.36 -32.52
N LEU A 225 -11.15 14.85 -31.32
CA LEU A 225 -10.54 15.69 -30.29
C LEU A 225 -9.13 16.12 -30.70
N VAL A 226 -8.36 15.20 -31.28
CA VAL A 226 -7.02 15.53 -31.78
C VAL A 226 -7.09 16.60 -32.85
N LEU A 227 -8.01 16.43 -33.80
CA LEU A 227 -8.14 17.38 -34.91
C LEU A 227 -8.62 18.74 -34.41
N VAL A 228 -9.49 18.78 -33.41
CA VAL A 228 -9.96 20.09 -32.97
C VAL A 228 -8.89 20.80 -32.14
N VAL A 229 -8.04 20.07 -31.40
CA VAL A 229 -6.92 20.72 -30.72
C VAL A 229 -5.95 21.33 -31.73
N VAL A 230 -5.59 20.56 -32.76
CA VAL A 230 -4.66 21.08 -33.77
C VAL A 230 -5.29 22.24 -34.53
N ALA A 231 -6.59 22.13 -34.85
CA ALA A 231 -7.28 23.19 -35.59
C ALA A 231 -7.39 24.47 -34.78
N VAL A 232 -7.70 24.38 -33.48
CA VAL A 232 -7.82 25.61 -32.70
C VAL A 232 -6.46 26.26 -32.53
N PHE A 233 -5.38 25.45 -32.39
CA PHE A 233 -4.05 26.01 -32.30
C PHE A 233 -3.67 26.76 -33.57
N VAL A 234 -3.87 26.13 -34.73
CA VAL A 234 -3.50 26.74 -36.00
C VAL A 234 -4.33 27.97 -36.29
N VAL A 235 -5.65 27.88 -36.10
CA VAL A 235 -6.56 28.98 -36.41
C VAL A 235 -6.32 30.16 -35.46
N CYS A 236 -6.05 29.90 -34.19
CA CYS A 236 -5.86 30.99 -33.25
C CYS A 236 -4.51 31.66 -33.40
N TRP A 237 -3.46 30.91 -33.75
CA TRP A 237 -2.13 31.49 -33.72
C TRP A 237 -1.57 31.86 -35.09
N THR A 238 -2.24 31.47 -36.19
CA THR A 238 -1.78 31.90 -37.50
C THR A 238 -1.91 33.41 -37.74
N PRO A 239 -3.07 34.06 -37.53
CA PRO A 239 -3.19 35.45 -37.98
C PRO A 239 -2.28 36.43 -37.26
N ILE A 240 -2.04 36.24 -35.97
CA ILE A 240 -1.21 37.20 -35.24
C ILE A 240 0.25 37.10 -35.69
N HIS A 241 0.75 35.87 -35.91
CA HIS A 241 2.10 35.69 -36.39
C HIS A 241 2.28 36.22 -37.82
N ILE A 242 1.31 35.93 -38.69
CA ILE A 242 1.46 36.43 -40.06
C ILE A 242 1.26 37.95 -40.12
N PHE A 243 0.50 38.52 -39.18
CA PHE A 243 0.36 39.97 -39.17
C PHE A 243 1.63 40.65 -38.64
N ILE A 244 2.30 40.01 -37.68
CA ILE A 244 3.62 40.49 -37.26
C ILE A 244 4.60 40.43 -38.42
N LEU A 245 4.58 39.33 -39.19
CA LEU A 245 5.46 39.22 -40.35
C LEU A 245 5.15 40.27 -41.41
N VAL A 246 3.86 40.52 -41.67
CA VAL A 246 3.45 41.52 -42.64
C VAL A 246 3.86 42.92 -42.20
N GLU A 247 3.64 43.24 -40.93
CA GLU A 247 4.02 44.56 -40.42
C GLU A 247 5.53 44.75 -40.38
N ALA A 248 6.29 43.66 -40.17
CA ALA A 248 7.73 43.76 -40.18
C ALA A 248 8.27 43.97 -41.59
N LEU A 249 7.75 43.19 -42.56
CA LEU A 249 8.19 43.36 -43.94
C LEU A 249 7.63 44.64 -44.55
N GLY A 250 6.34 44.90 -44.31
CA GLY A 250 5.71 46.13 -44.75
C GLY A 250 4.75 45.95 -45.89
N SER A 251 3.45 45.81 -45.57
CA SER A 251 2.40 45.78 -46.56
C SER A 251 1.18 46.63 -46.20
N THR A 252 0.98 46.97 -44.94
CA THR A 252 -0.21 47.68 -44.47
C THR A 252 0.20 49.03 -43.88
N SER A 253 -0.65 50.03 -44.05
CA SER A 253 -0.40 51.37 -43.53
C SER A 253 -0.70 51.42 -42.04
N HIS A 254 -0.74 52.63 -41.48
CA HIS A 254 -0.97 52.83 -40.05
C HIS A 254 -2.29 53.56 -39.80
N SER A 255 -3.35 53.14 -40.50
CA SER A 255 -4.68 53.68 -40.25
C SER A 255 -5.32 52.93 -39.08
N THR A 256 -6.58 53.29 -38.79
CA THR A 256 -7.30 52.60 -37.72
C THR A 256 -7.68 51.17 -38.10
N ALA A 257 -7.74 50.86 -39.40
CA ALA A 257 -8.03 49.50 -39.83
C ALA A 257 -6.92 48.54 -39.43
N ALA A 258 -5.66 48.98 -39.59
CA ALA A 258 -4.53 48.14 -39.20
C ALA A 258 -4.50 47.89 -37.70
N LEU A 259 -4.76 48.92 -36.91
CA LEU A 259 -4.81 48.76 -35.45
C LEU A 259 -5.95 47.85 -35.02
N SER A 260 -7.12 47.99 -35.65
CA SER A 260 -8.25 47.14 -35.30
C SER A 260 -8.00 45.68 -35.69
N SER A 261 -7.40 45.44 -36.85
CA SER A 261 -7.09 44.08 -37.26
C SER A 261 -6.00 43.46 -36.38
N TYR A 262 -5.01 44.28 -35.99
CA TYR A 262 -3.97 43.81 -35.10
C TYR A 262 -4.55 43.41 -33.74
N TYR A 263 -5.46 44.22 -33.21
CA TYR A 263 -6.02 43.90 -31.92
C TYR A 263 -7.02 42.76 -31.99
N PHE A 264 -7.67 42.54 -33.14
CA PHE A 264 -8.48 41.33 -33.30
C PHE A 264 -7.61 40.08 -33.41
N CYS A 265 -6.43 40.19 -34.02
CA CYS A 265 -5.50 39.06 -34.04
C CYS A 265 -5.01 38.74 -32.62
N ILE A 266 -4.74 39.78 -31.83
CA ILE A 266 -4.41 39.58 -30.42
C ILE A 266 -5.60 38.97 -29.66
N ALA A 267 -6.81 39.35 -30.05
CA ALA A 267 -8.01 38.75 -29.45
C ALA A 267 -8.10 37.26 -29.74
N LEU A 268 -7.74 36.85 -30.96
CA LEU A 268 -7.73 35.42 -31.27
C LEU A 268 -6.62 34.69 -30.51
N GLY A 269 -5.49 35.37 -30.33
CA GLY A 269 -4.42 34.81 -29.49
C GLY A 269 -4.86 34.59 -28.05
N TYR A 270 -5.71 35.49 -27.53
CA TYR A 270 -6.30 35.28 -26.22
C TYR A 270 -7.41 34.24 -26.23
N THR A 271 -8.11 34.11 -27.35
CA THR A 271 -9.15 33.10 -27.49
C THR A 271 -8.56 31.70 -27.43
N ASN A 272 -7.32 31.53 -27.91
CA ASN A 272 -6.60 30.28 -27.70
C ASN A 272 -6.47 29.95 -26.21
N SER A 273 -6.04 30.93 -25.41
CA SER A 273 -5.87 30.71 -23.99
C SER A 273 -7.20 30.48 -23.28
N SER A 274 -8.28 31.08 -23.80
CA SER A 274 -9.59 30.87 -23.19
C SER A 274 -10.15 29.48 -23.52
N LEU A 275 -9.96 29.00 -24.75
CA LEU A 275 -10.47 27.70 -25.14
C LEU A 275 -9.56 26.52 -24.80
N ASN A 276 -8.32 26.77 -24.35
CA ASN A 276 -7.48 25.65 -23.93
C ASN A 276 -8.06 24.85 -22.75
N PRO A 277 -8.52 25.44 -21.64
CA PRO A 277 -9.11 24.59 -20.58
C PRO A 277 -10.42 23.93 -20.95
N ILE A 278 -11.14 24.46 -21.95
CA ILE A 278 -12.38 23.82 -22.37
C ILE A 278 -12.12 22.48 -23.03
N LEU A 279 -11.10 22.40 -23.88
CA LEU A 279 -10.75 21.17 -24.57
C LEU A 279 -9.57 20.45 -23.91
N TYR A 280 -9.15 20.86 -22.72
CA TYR A 280 -8.21 20.06 -21.95
C TYR A 280 -8.66 19.74 -20.53
N ALA A 281 -9.78 20.26 -20.07
CA ALA A 281 -10.31 19.85 -18.78
C ALA A 281 -11.77 19.41 -18.86
N PHE A 282 -12.59 20.07 -19.67
CA PHE A 282 -13.99 19.68 -19.78
C PHE A 282 -14.20 18.50 -20.71
N LEU A 283 -13.19 18.11 -21.49
CA LEU A 283 -13.30 16.96 -22.37
C LEU A 283 -12.40 15.80 -21.96
N ASP A 284 -11.57 15.98 -20.96
CA ASP A 284 -10.73 14.89 -20.47
C ASP A 284 -11.57 13.85 -19.75
N GLU A 285 -11.22 12.58 -19.93
CA GLU A 285 -11.99 11.50 -19.32
C GLU A 285 -11.78 11.45 -17.80
N ASN A 286 -10.55 11.66 -17.35
CA ASN A 286 -10.28 11.66 -15.91
C ASN A 286 -10.83 12.90 -15.23
N PHE A 287 -10.76 14.05 -15.92
CA PHE A 287 -11.27 15.29 -15.35
C PHE A 287 -12.78 15.40 -15.40
N LYS A 288 -13.45 14.57 -16.21
CA LYS A 288 -14.90 14.60 -16.25
C LYS A 288 -15.51 14.03 -14.98
N ARG A 289 -14.97 12.92 -14.50
CA ARG A 289 -15.40 12.35 -13.22
C ARG A 289 -14.20 12.02 -12.36
N LEU B 5 7.85 15.71 20.03
CA LEU B 5 8.61 14.50 19.77
C LEU B 5 9.93 14.50 20.52
N SER B 6 10.30 13.34 21.08
CA SER B 6 11.58 13.17 21.75
C SER B 6 12.63 12.77 20.71
N ALA B 7 13.81 12.38 21.15
CA ALA B 7 14.88 12.01 20.22
C ALA B 7 14.56 10.68 19.53
N GLU B 8 14.15 9.68 20.31
CA GLU B 8 13.87 8.38 19.73
C GLU B 8 12.58 8.40 18.91
N ASP B 9 11.63 9.28 19.26
CA ASP B 9 10.45 9.45 18.42
C ASP B 9 10.83 10.04 17.06
N LYS B 10 11.74 11.01 17.04
CA LYS B 10 12.21 11.58 15.78
C LYS B 10 12.95 10.54 14.95
N ALA B 11 13.78 9.72 15.60
CA ALA B 11 14.48 8.65 14.88
C ALA B 11 13.51 7.59 14.36
N ALA B 12 12.44 7.30 15.11
CA ALA B 12 11.42 6.38 14.62
C ALA B 12 10.68 6.94 13.42
N VAL B 13 10.40 8.25 13.43
CA VAL B 13 9.79 8.90 12.27
C VAL B 13 10.71 8.82 11.05
N GLU B 14 12.01 9.01 11.27
CA GLU B 14 12.99 8.88 10.19
C GLU B 14 13.03 7.46 9.62
N ARG B 15 13.00 6.45 10.51
CA ARG B 15 12.96 5.05 10.07
C ARG B 15 11.69 4.76 9.28
N SER B 16 10.55 5.28 9.74
CA SER B 16 9.30 5.08 9.02
C SER B 16 9.34 5.73 7.65
N LYS B 17 9.97 6.91 7.54
CA LYS B 17 10.11 7.56 6.24
C LYS B 17 11.00 6.77 5.30
N MET B 18 12.08 6.18 5.83
CA MET B 18 12.91 5.29 5.01
C MET B 18 12.13 4.08 4.53
N ILE B 19 11.27 3.53 5.40
CA ILE B 19 10.42 2.41 5.02
C ILE B 19 9.43 2.83 3.92
N ASP B 20 8.87 4.04 4.02
CA ASP B 20 7.98 4.54 2.97
C ASP B 20 8.72 4.71 1.65
N ARG B 21 9.96 5.20 1.69
CA ARG B 21 10.74 5.33 0.46
C ARG B 21 11.01 3.97 -0.19
N ASN B 22 11.37 2.97 0.62
CA ASN B 22 11.60 1.64 0.07
C ASN B 22 10.32 1.02 -0.48
N LEU B 23 9.19 1.26 0.20
CA LEU B 23 7.91 0.77 -0.28
C LEU B 23 7.52 1.40 -1.61
N ARG B 24 7.76 2.71 -1.74
CA ARG B 24 7.45 3.40 -3.00
C ARG B 24 8.33 2.88 -4.13
N GLU B 25 9.61 2.64 -3.86
CA GLU B 25 10.50 2.08 -4.88
C GLU B 25 10.05 0.68 -5.29
N ASP B 26 9.67 -0.15 -4.32
CA ASP B 26 9.21 -1.51 -4.63
C ASP B 26 7.92 -1.49 -5.42
N GLY B 27 7.01 -0.57 -5.09
CA GLY B 27 5.77 -0.45 -5.86
C GLY B 27 6.01 0.04 -7.27
N GLU B 28 6.94 0.98 -7.45
CA GLU B 28 7.30 1.43 -8.80
C GLU B 28 7.91 0.31 -9.61
N LYS B 29 8.75 -0.53 -8.97
CA LYS B 29 9.30 -1.70 -9.66
C LYS B 29 8.21 -2.69 -10.01
N ALA B 30 7.23 -2.90 -9.12
CA ALA B 30 6.20 -3.91 -9.35
C ALA B 30 5.19 -3.46 -10.38
N ALA B 31 4.99 -2.14 -10.54
CA ALA B 31 3.99 -1.66 -11.50
C ALA B 31 4.44 -1.84 -12.94
N ARG B 32 5.73 -2.06 -13.19
CA ARG B 32 6.25 -2.22 -14.54
C ARG B 32 6.32 -3.68 -14.96
N GLU B 33 5.48 -4.55 -14.40
CA GLU B 33 5.49 -5.97 -14.71
C GLU B 33 4.12 -6.41 -15.18
N VAL B 34 4.10 -7.37 -16.08
CA VAL B 34 2.87 -7.89 -16.68
C VAL B 34 2.48 -9.17 -15.97
N LYS B 35 1.22 -9.24 -15.52
CA LYS B 35 0.71 -10.40 -14.81
C LYS B 35 -0.16 -11.24 -15.74
N LEU B 36 0.13 -12.54 -15.78
CA LEU B 36 -0.62 -13.49 -16.59
C LEU B 36 -1.13 -14.61 -15.69
N LEU B 37 -2.42 -14.91 -15.81
CA LEU B 37 -3.04 -15.98 -15.06
C LEU B 37 -3.24 -17.18 -15.98
N LEU B 38 -2.53 -18.27 -15.72
CA LEU B 38 -2.56 -19.45 -16.57
C LEU B 38 -3.68 -20.38 -16.11
N LEU B 39 -4.52 -20.80 -17.04
CA LEU B 39 -5.64 -21.69 -16.75
C LEU B 39 -5.77 -22.73 -17.85
N GLY B 40 -6.37 -23.86 -17.48
CA GLY B 40 -6.57 -24.96 -18.40
C GLY B 40 -7.40 -26.04 -17.73
N ALA B 41 -7.74 -27.05 -18.53
CA ALA B 41 -8.56 -28.16 -18.04
C ALA B 41 -7.70 -29.17 -17.28
N SER B 44 -5.46 -29.11 -19.62
CA SER B 44 -5.54 -29.58 -21.00
C SER B 44 -4.19 -29.50 -21.69
N GLY B 45 -3.13 -29.68 -20.90
CA GLY B 45 -1.78 -29.64 -21.43
C GLY B 45 -1.08 -28.33 -21.19
N LYS B 46 -0.18 -28.30 -20.21
CA LYS B 46 0.60 -27.11 -19.88
C LYS B 46 1.96 -27.10 -20.56
N ASN B 47 2.26 -28.09 -21.40
CA ASN B 47 3.54 -28.14 -22.10
C ASN B 47 3.63 -27.05 -23.14
N THR B 48 4.85 -26.55 -23.35
CA THR B 48 5.23 -25.55 -24.37
C THR B 48 4.54 -24.20 -24.10
N ILE B 49 3.95 -24.03 -22.92
CA ILE B 49 3.34 -22.75 -22.53
C ILE B 49 4.03 -22.23 -21.28
N VAL B 50 4.54 -23.15 -20.45
CA VAL B 50 5.12 -22.76 -19.16
C VAL B 50 6.63 -22.96 -19.19
N LYS B 51 7.11 -23.82 -20.10
CA LYS B 51 8.54 -24.11 -20.16
C LYS B 51 9.10 -23.88 -21.56
N GLN B 52 8.32 -24.25 -22.58
CA GLN B 52 8.68 -24.14 -23.99
C GLN B 52 10.02 -24.81 -24.32
N THR B 182 2.83 -28.39 -4.93
CA THR B 182 1.76 -27.79 -4.14
C THR B 182 1.78 -26.27 -4.25
N GLY B 183 0.74 -25.63 -3.72
CA GLY B 183 0.63 -24.19 -3.82
C GLY B 183 0.28 -23.78 -5.24
N ILE B 184 0.65 -22.55 -5.58
CA ILE B 184 0.54 -22.06 -6.95
C ILE B 184 1.93 -21.77 -7.47
N VAL B 185 2.14 -21.96 -8.77
CA VAL B 185 3.46 -22.00 -9.37
C VAL B 185 3.75 -20.64 -10.00
N GLU B 186 4.92 -20.09 -9.66
CA GLU B 186 5.40 -18.83 -10.19
C GLU B 186 6.34 -19.07 -11.36
N THR B 187 6.23 -18.23 -12.39
CA THR B 187 7.17 -18.26 -13.50
C THR B 187 7.51 -16.83 -13.89
N HIS B 188 8.79 -16.56 -14.09
CA HIS B 188 9.24 -15.23 -14.48
C HIS B 188 10.07 -15.35 -15.74
N PHE B 189 9.76 -14.54 -16.74
CA PHE B 189 10.63 -14.48 -17.91
C PHE B 189 10.65 -13.05 -18.45
N THR B 190 11.57 -12.82 -19.38
CA THR B 190 11.81 -11.49 -19.93
C THR B 190 11.72 -11.53 -21.44
N PHE B 191 10.97 -10.60 -22.01
CA PHE B 191 10.79 -10.54 -23.46
C PHE B 191 10.59 -9.09 -23.87
N LYS B 192 11.51 -8.57 -24.70
CA LYS B 192 11.44 -7.23 -25.27
C LYS B 192 11.29 -6.16 -24.19
N ASP B 193 12.16 -6.25 -23.18
CA ASP B 193 12.19 -5.37 -22.01
C ASP B 193 10.87 -5.39 -21.23
N LEU B 194 10.14 -6.49 -21.32
CA LEU B 194 8.94 -6.70 -20.53
C LEU B 194 9.17 -7.89 -19.61
N HIS B 195 8.95 -7.68 -18.31
CA HIS B 195 9.07 -8.75 -17.32
C HIS B 195 7.70 -9.37 -17.12
N PHE B 196 7.56 -10.64 -17.49
CA PHE B 196 6.30 -11.36 -17.38
C PHE B 196 6.35 -12.27 -16.16
N LYS B 197 5.37 -12.10 -15.29
CA LYS B 197 5.09 -13.03 -14.20
C LYS B 197 3.84 -13.83 -14.55
N MET B 198 3.96 -15.15 -14.49
CA MET B 198 2.88 -16.07 -14.85
C MET B 198 2.57 -16.95 -13.65
N PHE B 199 1.28 -17.08 -13.35
CA PHE B 199 0.80 -17.79 -12.18
C PHE B 199 0.00 -19.01 -12.64
N ASP B 200 0.38 -20.18 -12.13
CA ASP B 200 -0.42 -21.40 -12.39
C ASP B 200 -1.12 -21.79 -11.12
N VAL B 201 -2.41 -22.01 -11.22
CA VAL B 201 -3.26 -22.34 -10.09
C VAL B 201 -3.93 -23.69 -10.25
N GLY B 202 -3.33 -24.58 -11.05
CA GLY B 202 -3.93 -25.88 -11.32
C GLY B 202 -3.90 -26.84 -10.14
N ALA B 203 -3.04 -26.59 -9.16
CA ALA B 203 -2.98 -27.44 -7.98
C ALA B 203 -4.05 -27.12 -6.95
N GLN B 204 -4.81 -26.05 -7.15
CA GLN B 204 -5.87 -25.66 -6.21
C GLN B 204 -7.12 -26.47 -6.53
N ARG B 205 -7.30 -27.59 -5.82
CA ARG B 205 -8.48 -28.43 -5.99
C ARG B 205 -9.57 -28.01 -4.98
N SER B 206 -10.00 -26.77 -5.13
CA SER B 206 -10.92 -26.15 -4.18
C SER B 206 -11.91 -25.29 -4.94
N GLU B 207 -12.69 -24.51 -4.22
CA GLU B 207 -13.69 -23.64 -4.81
C GLU B 207 -13.02 -22.41 -5.41
N ARG B 208 -13.26 -22.17 -6.70
CA ARG B 208 -12.63 -21.06 -7.40
C ARG B 208 -13.12 -19.71 -6.89
N LYS B 209 -14.39 -19.63 -6.48
CA LYS B 209 -15.01 -18.35 -6.16
C LYS B 209 -14.45 -17.69 -4.91
N LYS B 210 -13.68 -18.41 -4.09
CA LYS B 210 -13.15 -17.84 -2.87
C LYS B 210 -11.72 -17.35 -3.01
N TRP B 211 -11.07 -17.56 -4.15
CA TRP B 211 -9.73 -17.04 -4.37
C TRP B 211 -9.50 -16.44 -5.74
N ILE B 212 -10.50 -16.45 -6.64
CA ILE B 212 -10.29 -15.87 -7.96
C ILE B 212 -10.24 -14.34 -7.91
N HIS B 213 -10.85 -13.73 -6.89
CA HIS B 213 -10.82 -12.29 -6.74
C HIS B 213 -9.42 -11.77 -6.41
N CYS B 214 -8.52 -12.65 -5.97
CA CYS B 214 -7.12 -12.27 -5.81
C CYS B 214 -6.48 -11.91 -7.14
N PHE B 215 -6.96 -12.48 -8.24
CA PHE B 215 -6.40 -12.22 -9.57
C PHE B 215 -7.23 -11.22 -10.36
N GLU B 216 -7.87 -10.27 -9.67
CA GLU B 216 -8.77 -9.35 -10.34
C GLU B 216 -8.03 -8.36 -11.23
N GLY B 217 -6.92 -7.81 -10.75
CA GLY B 217 -6.19 -6.83 -11.50
C GLY B 217 -5.11 -7.39 -12.39
N VAL B 218 -5.32 -8.60 -12.89
CA VAL B 218 -4.32 -9.28 -13.73
C VAL B 218 -4.32 -8.63 -15.11
N THR B 219 -3.14 -8.57 -15.73
CA THR B 219 -3.04 -7.97 -17.06
C THR B 219 -3.72 -8.85 -18.10
N ALA B 220 -3.48 -10.16 -18.06
CA ALA B 220 -4.14 -11.03 -19.03
C ALA B 220 -4.36 -12.41 -18.42
N ILE B 221 -5.33 -13.12 -18.99
CA ILE B 221 -5.61 -14.50 -18.62
C ILE B 221 -5.28 -15.38 -19.82
N ILE B 222 -4.31 -16.27 -19.66
CA ILE B 222 -3.95 -17.22 -20.69
C ILE B 222 -4.73 -18.50 -20.43
N PHE B 223 -5.45 -18.97 -21.45
CA PHE B 223 -6.32 -20.14 -21.35
C PHE B 223 -5.88 -21.17 -22.37
N CYS B 224 -5.51 -22.36 -21.90
CA CYS B 224 -5.04 -23.44 -22.77
C CYS B 224 -6.14 -24.47 -22.95
N VAL B 225 -6.47 -24.77 -24.21
CA VAL B 225 -7.47 -25.78 -24.54
C VAL B 225 -6.83 -26.79 -25.48
N ALA B 226 -6.90 -28.07 -25.11
CA ALA B 226 -6.46 -29.12 -26.01
C ALA B 226 -7.47 -29.31 -27.14
N LEU B 227 -6.95 -29.64 -28.31
CA LEU B 227 -7.80 -29.92 -29.47
C LEU B 227 -7.98 -31.41 -29.71
N SER B 228 -7.09 -32.24 -29.20
CA SER B 228 -7.14 -33.68 -29.44
C SER B 228 -8.09 -34.41 -28.51
N ASP B 229 -8.73 -33.71 -27.57
CA ASP B 229 -9.64 -34.33 -26.62
C ASP B 229 -11.10 -33.98 -26.90
N TYR B 230 -11.44 -33.76 -28.18
CA TYR B 230 -12.83 -33.53 -28.53
C TYR B 230 -13.67 -34.79 -28.42
N ASP B 231 -13.06 -35.97 -28.47
CA ASP B 231 -13.76 -37.24 -28.39
C ASP B 231 -13.41 -38.03 -27.13
N LEU B 232 -12.68 -37.43 -26.20
CA LEU B 232 -12.27 -38.10 -24.97
C LEU B 232 -13.21 -37.69 -23.84
N VAL B 233 -13.77 -38.69 -23.16
CA VAL B 233 -14.74 -38.46 -22.09
C VAL B 233 -14.00 -38.38 -20.77
N LEU B 234 -14.29 -37.35 -19.99
CA LEU B 234 -13.67 -37.17 -18.69
C LEU B 234 -14.17 -38.20 -17.68
N MET B 240 -18.94 -36.85 -19.16
CA MET B 240 -18.89 -35.60 -19.91
C MET B 240 -17.63 -35.52 -20.77
N ASN B 241 -17.75 -34.89 -21.94
CA ASN B 241 -16.60 -34.71 -22.82
C ASN B 241 -15.62 -33.72 -22.20
N ARG B 242 -14.34 -33.89 -22.55
CA ARG B 242 -13.30 -33.02 -22.01
C ARG B 242 -13.41 -31.61 -22.56
N MET B 243 -13.70 -31.49 -23.86
CA MET B 243 -13.79 -30.16 -24.46
C MET B 243 -15.05 -29.42 -24.01
N HIS B 244 -16.11 -30.16 -23.68
CA HIS B 244 -17.28 -29.51 -23.10
C HIS B 244 -16.98 -28.98 -21.70
N ALA B 245 -16.16 -29.71 -20.93
CA ALA B 245 -15.69 -29.19 -19.65
C ALA B 245 -14.83 -27.95 -19.84
N SER B 246 -13.99 -27.95 -20.88
CA SER B 246 -13.20 -26.77 -21.20
C SER B 246 -14.09 -25.59 -21.57
N MET B 247 -15.16 -25.84 -22.33
CA MET B 247 -16.09 -24.78 -22.69
C MET B 247 -16.82 -24.23 -21.47
N LYS B 248 -17.21 -25.11 -20.55
CA LYS B 248 -17.87 -24.66 -19.32
C LYS B 248 -16.92 -23.82 -18.48
N LEU B 249 -15.66 -24.24 -18.36
CA LEU B 249 -14.69 -23.48 -17.58
C LEU B 249 -14.38 -22.14 -18.25
N PHE B 250 -14.31 -22.11 -19.58
CA PHE B 250 -14.09 -20.87 -20.30
C PHE B 250 -15.29 -19.93 -20.16
N ASP B 251 -16.49 -20.48 -20.14
CA ASP B 251 -17.68 -19.65 -19.95
C ASP B 251 -17.72 -19.09 -18.54
N SER B 252 -17.23 -19.86 -17.55
CA SER B 252 -17.20 -19.37 -16.18
C SER B 252 -16.15 -18.27 -16.00
N ILE B 253 -14.94 -18.49 -16.52
CA ILE B 253 -13.86 -17.51 -16.33
C ILE B 253 -14.10 -16.25 -17.16
N CYS B 254 -14.54 -16.41 -18.43
CA CYS B 254 -14.70 -15.29 -19.32
C CYS B 254 -15.82 -14.36 -18.88
N ASN B 255 -16.92 -14.93 -18.37
CA ASN B 255 -18.08 -14.14 -17.95
C ASN B 255 -18.11 -13.91 -16.45
N ASN B 256 -16.99 -14.10 -15.77
CA ASN B 256 -16.91 -13.79 -14.35
C ASN B 256 -16.96 -12.28 -14.14
N LYS B 257 -17.49 -11.89 -12.98
CA LYS B 257 -17.66 -10.46 -12.71
C LYS B 257 -16.39 -9.78 -12.24
N TRP B 258 -15.31 -10.54 -12.00
CA TRP B 258 -14.00 -9.97 -11.75
C TRP B 258 -13.19 -9.79 -13.03
N PHE B 259 -13.66 -10.32 -14.15
CA PHE B 259 -12.94 -10.32 -15.42
C PHE B 259 -13.79 -9.72 -16.52
N THR B 260 -14.39 -8.56 -16.23
CA THR B 260 -15.26 -7.92 -17.21
C THR B 260 -14.45 -7.30 -18.35
N ASP B 261 -13.28 -6.74 -18.03
CA ASP B 261 -12.44 -6.07 -19.03
C ASP B 261 -11.04 -6.68 -19.08
N THR B 262 -10.91 -7.95 -18.73
CA THR B 262 -9.63 -8.64 -18.71
C THR B 262 -9.48 -9.45 -20.00
N SER B 263 -8.42 -9.17 -20.74
CA SER B 263 -8.20 -9.87 -22.01
C SER B 263 -7.80 -11.31 -21.77
N ILE B 264 -8.22 -12.17 -22.68
CA ILE B 264 -7.95 -13.61 -22.64
C ILE B 264 -7.15 -13.97 -23.88
N ILE B 265 -5.99 -14.60 -23.67
CA ILE B 265 -5.17 -15.14 -24.74
C ILE B 265 -5.44 -16.65 -24.78
N LEU B 266 -6.02 -17.12 -25.88
CA LEU B 266 -6.49 -18.49 -25.98
C LEU B 266 -5.50 -19.29 -26.82
N PHE B 267 -4.91 -20.32 -26.23
CA PHE B 267 -4.02 -21.23 -26.93
C PHE B 267 -4.77 -22.53 -27.21
N LEU B 268 -4.62 -23.03 -28.43
CA LEU B 268 -5.22 -24.30 -28.85
C LEU B 268 -4.10 -25.30 -29.11
N ASN B 269 -3.95 -26.24 -28.19
CA ASN B 269 -2.84 -27.17 -28.16
C ASN B 269 -3.14 -28.42 -28.98
N LYS B 270 -2.06 -29.15 -29.30
CA LYS B 270 -2.10 -30.47 -29.93
C LYS B 270 -2.82 -30.45 -31.27
N LYS B 271 -2.44 -29.48 -32.12
CA LYS B 271 -3.08 -29.37 -33.43
C LYS B 271 -2.59 -30.45 -34.38
N ASP B 272 -1.35 -30.93 -34.22
CA ASP B 272 -0.86 -32.01 -35.08
C ASP B 272 -1.55 -33.32 -34.77
N LEU B 273 -1.73 -33.64 -33.48
CA LEU B 273 -2.47 -34.84 -33.09
C LEU B 273 -3.93 -34.72 -33.50
N PHE B 274 -4.51 -33.51 -33.38
CA PHE B 274 -5.88 -33.28 -33.80
C PHE B 274 -6.04 -33.49 -35.31
N GLU B 275 -5.07 -33.02 -36.09
CA GLU B 275 -5.09 -33.24 -37.53
C GLU B 275 -4.93 -34.72 -37.86
N GLU B 276 -4.12 -35.44 -37.10
CA GLU B 276 -3.96 -36.88 -37.31
C GLU B 276 -5.24 -37.64 -37.01
N LYS B 277 -5.96 -37.25 -35.96
CA LYS B 277 -7.16 -37.98 -35.56
C LYS B 277 -8.44 -37.39 -36.12
N ILE B 278 -8.37 -36.36 -36.95
CA ILE B 278 -9.59 -35.80 -37.54
C ILE B 278 -10.09 -36.65 -38.70
N LYS B 279 -9.24 -37.49 -39.29
CA LYS B 279 -9.70 -38.36 -40.36
C LYS B 279 -10.34 -39.63 -39.82
N LYS B 280 -9.78 -40.17 -38.72
CA LYS B 280 -10.30 -41.39 -38.12
C LYS B 280 -11.49 -41.14 -37.20
N SER B 281 -11.82 -39.89 -36.93
CA SER B 281 -12.96 -39.55 -36.08
C SER B 281 -13.49 -38.17 -36.42
N PRO B 282 -14.80 -38.01 -36.62
CA PRO B 282 -15.33 -36.69 -36.98
C PRO B 282 -15.65 -35.83 -35.76
N LEU B 283 -16.09 -34.61 -36.00
CA LEU B 283 -16.46 -33.68 -34.93
C LEU B 283 -17.89 -33.87 -34.46
N THR B 284 -18.64 -34.83 -35.02
CA THR B 284 -20.02 -35.06 -34.62
C THR B 284 -20.14 -35.62 -33.21
N ILE B 285 -19.07 -36.21 -32.67
CA ILE B 285 -19.09 -36.69 -31.30
C ILE B 285 -19.18 -35.55 -30.30
N CYS B 286 -18.55 -34.41 -30.61
CA CYS B 286 -18.59 -33.24 -29.75
C CYS B 286 -19.61 -32.21 -30.21
N TYR B 287 -19.73 -31.98 -31.51
CA TYR B 287 -20.66 -31.00 -32.05
C TYR B 287 -21.67 -31.68 -32.96
N PRO B 288 -22.90 -31.94 -32.49
CA PRO B 288 -23.92 -32.56 -33.35
C PRO B 288 -24.37 -31.66 -34.49
N GLU B 289 -24.16 -30.34 -34.39
CA GLU B 289 -24.59 -29.39 -35.40
C GLU B 289 -23.41 -28.85 -36.20
N TYR B 290 -22.44 -29.71 -36.49
CA TYR B 290 -21.25 -29.33 -37.24
C TYR B 290 -21.60 -28.89 -38.66
N ALA B 291 -22.07 -29.82 -39.48
CA ALA B 291 -22.48 -29.60 -40.87
C ALA B 291 -21.37 -28.93 -41.68
N GLY B 292 -20.16 -29.48 -41.57
CA GLY B 292 -19.00 -28.91 -42.24
C GLY B 292 -18.07 -30.00 -42.75
N SER B 293 -17.01 -29.55 -43.41
CA SER B 293 -16.03 -30.47 -43.97
C SER B 293 -15.18 -31.09 -42.86
N ASN B 294 -14.78 -32.33 -43.09
CA ASN B 294 -13.93 -33.06 -42.13
C ASN B 294 -12.45 -32.91 -42.45
N THR B 295 -12.00 -31.66 -42.59
CA THR B 295 -10.59 -31.34 -42.77
C THR B 295 -10.07 -30.66 -41.51
N TYR B 296 -8.76 -30.42 -41.50
CA TYR B 296 -8.13 -29.85 -40.31
C TYR B 296 -8.50 -28.38 -40.13
N GLU B 297 -8.44 -27.60 -41.21
CA GLU B 297 -8.60 -26.15 -41.08
C GLU B 297 -10.03 -25.75 -40.73
N GLU B 298 -11.02 -26.37 -41.38
CA GLU B 298 -12.41 -26.04 -41.10
C GLU B 298 -12.81 -26.46 -39.69
N ALA B 299 -12.36 -27.63 -39.24
CA ALA B 299 -12.65 -28.09 -37.89
C ALA B 299 -11.98 -27.21 -36.84
N ALA B 300 -10.72 -26.82 -37.09
CA ALA B 300 -10.02 -25.93 -36.17
C ALA B 300 -10.70 -24.58 -36.07
N ALA B 301 -11.12 -24.02 -37.21
CA ALA B 301 -11.84 -22.75 -37.21
C ALA B 301 -13.19 -22.89 -36.52
N TYR B 302 -13.85 -24.03 -36.65
CA TYR B 302 -15.13 -24.25 -36.00
C TYR B 302 -14.98 -24.30 -34.49
N ILE B 303 -13.97 -25.01 -33.99
CA ILE B 303 -13.74 -25.06 -32.54
C ILE B 303 -13.33 -23.68 -32.02
N GLN B 304 -12.54 -22.94 -32.80
CA GLN B 304 -12.15 -21.59 -32.40
C GLN B 304 -13.37 -20.67 -32.32
N CYS B 305 -14.27 -20.75 -33.29
CA CYS B 305 -15.48 -19.92 -33.26
C CYS B 305 -16.40 -20.32 -32.13
N GLN B 306 -16.49 -21.64 -31.85
CA GLN B 306 -17.33 -22.11 -30.74
C GLN B 306 -16.78 -21.62 -29.41
N PHE B 307 -15.47 -21.54 -29.27
CA PHE B 307 -14.88 -21.04 -28.03
C PHE B 307 -14.98 -19.52 -27.92
N GLU B 308 -14.88 -18.80 -29.04
CA GLU B 308 -15.02 -17.35 -28.98
C GLU B 308 -16.47 -16.89 -28.87
N ASP B 309 -17.44 -17.74 -29.19
CA ASP B 309 -18.84 -17.36 -29.10
C ASP B 309 -19.35 -17.24 -27.67
N LEU B 310 -18.60 -17.73 -26.68
CA LEU B 310 -19.02 -17.64 -25.29
C LEU B 310 -18.76 -16.27 -24.68
N ASN B 311 -18.10 -15.37 -25.40
CA ASN B 311 -17.77 -14.05 -24.91
C ASN B 311 -19.01 -13.17 -24.94
N LYS B 312 -19.80 -13.23 -23.87
CA LYS B 312 -20.91 -12.31 -23.72
C LYS B 312 -20.38 -10.91 -23.40
N ARG B 313 -21.04 -9.90 -23.97
CA ARG B 313 -20.66 -8.49 -23.84
C ARG B 313 -19.23 -8.26 -24.30
N LYS B 314 -19.00 -8.49 -25.60
CA LYS B 314 -17.69 -8.39 -26.22
C LYS B 314 -17.38 -6.98 -26.71
N ASP B 315 -17.59 -5.99 -25.83
CA ASP B 315 -17.29 -4.60 -26.15
C ASP B 315 -16.19 -4.00 -25.30
N THR B 316 -15.88 -4.59 -24.14
CA THR B 316 -14.83 -4.09 -23.28
C THR B 316 -13.65 -5.04 -23.16
N LYS B 317 -13.77 -6.27 -23.65
CA LYS B 317 -12.70 -7.26 -23.57
C LYS B 317 -12.55 -7.96 -24.90
N GLU B 318 -11.33 -8.44 -25.17
CA GLU B 318 -10.99 -9.10 -26.42
C GLU B 318 -10.44 -10.48 -26.14
N ILE B 319 -10.68 -11.40 -27.06
CA ILE B 319 -10.19 -12.77 -26.98
C ILE B 319 -9.22 -12.99 -28.13
N TYR B 320 -7.98 -13.34 -27.79
CA TYR B 320 -6.94 -13.61 -28.77
C TYR B 320 -6.75 -15.12 -28.89
N THR B 321 -6.83 -15.63 -30.11
CA THR B 321 -6.72 -17.06 -30.36
C THR B 321 -5.47 -17.35 -31.20
N HIS B 322 -4.68 -18.31 -30.75
CA HIS B 322 -3.46 -18.71 -31.44
C HIS B 322 -3.32 -20.23 -31.37
N PHE B 323 -2.98 -20.84 -32.50
CA PHE B 323 -2.71 -22.27 -32.54
C PHE B 323 -1.23 -22.49 -32.22
N THR B 324 -0.96 -23.30 -31.20
CA THR B 324 0.39 -23.43 -30.69
C THR B 324 1.30 -24.15 -31.68
N CYS B 325 2.56 -23.75 -31.69
CA CYS B 325 3.57 -24.30 -32.59
C CYS B 325 4.88 -24.44 -31.82
N SER B 326 5.96 -24.67 -32.55
CA SER B 326 7.28 -24.79 -31.92
C SER B 326 8.35 -24.10 -32.75
N THR B 327 8.00 -23.02 -33.44
CA THR B 327 8.91 -22.35 -34.37
C THR B 327 9.04 -20.88 -34.02
N ASP B 328 10.28 -20.40 -33.93
CA ASP B 328 10.65 -18.98 -33.86
C ASP B 328 10.08 -18.27 -32.63
N THR B 329 9.75 -19.02 -31.57
CA THR B 329 9.25 -18.50 -30.30
C THR B 329 8.00 -17.64 -30.45
N LYS B 330 7.21 -17.91 -31.51
CA LYS B 330 6.04 -17.09 -31.82
C LYS B 330 5.00 -17.13 -30.71
N ASN B 331 4.92 -18.27 -30.00
CA ASN B 331 4.00 -18.40 -28.87
C ASN B 331 4.27 -17.36 -27.80
N VAL B 332 5.53 -16.95 -27.63
CA VAL B 332 5.81 -15.85 -26.72
C VAL B 332 5.38 -14.53 -27.34
N GLN B 333 5.74 -14.32 -28.62
CA GLN B 333 5.58 -13.02 -29.26
C GLN B 333 4.12 -12.62 -29.35
N PHE B 334 3.26 -13.58 -29.69
CA PHE B 334 1.81 -13.38 -29.69
C PHE B 334 1.34 -12.80 -28.37
N VAL B 335 1.75 -13.42 -27.25
CA VAL B 335 1.40 -12.93 -25.92
C VAL B 335 1.90 -11.50 -25.75
N PHE B 336 3.15 -11.26 -26.17
CA PHE B 336 3.73 -9.92 -26.13
C PHE B 336 2.84 -8.94 -26.87
N ASP B 337 2.46 -9.30 -28.11
CA ASP B 337 1.60 -8.43 -28.90
C ASP B 337 0.29 -8.18 -28.19
N ALA B 338 -0.29 -9.25 -27.63
CA ALA B 338 -1.56 -9.13 -26.93
C ALA B 338 -1.43 -8.18 -25.74
N VAL B 339 -0.37 -8.36 -24.94
CA VAL B 339 -0.33 -7.56 -23.73
C VAL B 339 0.01 -6.13 -24.09
N THR B 340 0.68 -5.93 -25.24
CA THR B 340 1.01 -4.59 -25.68
C THR B 340 -0.26 -3.78 -25.92
N ASP B 341 -1.28 -4.44 -26.50
CA ASP B 341 -2.55 -3.76 -26.73
C ASP B 341 -3.15 -3.27 -25.41
N VAL B 342 -3.09 -4.11 -24.38
CA VAL B 342 -3.65 -3.75 -23.08
C VAL B 342 -2.94 -2.52 -22.54
N ILE B 343 -1.60 -2.47 -22.67
CA ILE B 343 -0.84 -1.33 -22.18
C ILE B 343 -1.29 -0.05 -22.87
N ILE B 344 -1.55 -0.14 -24.17
CA ILE B 344 -1.98 1.04 -24.93
C ILE B 344 -3.30 1.55 -24.37
N LYS B 345 -4.22 0.63 -24.08
CA LYS B 345 -5.49 1.03 -23.48
C LYS B 345 -5.27 1.68 -22.12
N ASN B 346 -4.38 1.10 -21.32
CA ASN B 346 -4.05 1.69 -20.03
C ASN B 346 -3.42 3.05 -20.20
N ASN B 347 -2.57 3.19 -21.23
CA ASN B 347 -1.99 4.49 -21.52
C ASN B 347 -3.07 5.48 -21.94
N LEU B 348 -4.05 5.02 -22.72
CA LEU B 348 -5.17 5.88 -23.07
C LEU B 348 -6.04 6.17 -21.86
N LYS B 349 -6.02 5.31 -20.84
CA LYS B 349 -6.65 5.66 -19.59
C LYS B 349 -5.80 6.64 -18.78
N ASP B 350 -4.47 6.53 -18.89
CA ASP B 350 -3.61 7.37 -18.08
C ASP B 350 -3.52 8.79 -18.63
N CYS B 351 -3.53 8.95 -19.95
CA CYS B 351 -3.52 10.26 -20.56
C CYS B 351 -4.90 10.91 -20.62
N GLY B 352 -5.94 10.19 -20.21
CA GLY B 352 -7.27 10.76 -20.12
C GLY B 352 -7.94 11.14 -21.42
N LEU B 353 -7.80 10.31 -22.45
CA LEU B 353 -8.53 10.54 -23.69
C LEU B 353 -9.16 9.27 -24.24
N PHE B 354 -9.26 8.20 -23.46
CA PHE B 354 -9.92 6.98 -23.91
C PHE B 354 -11.42 7.17 -24.00
N SER C 2 -28.36 -53.91 2.32
CA SER C 2 -27.43 -52.81 2.14
C SER C 2 -27.22 -52.04 3.43
N GLU C 3 -25.98 -52.02 3.93
CA GLU C 3 -25.67 -51.31 5.16
C GLU C 3 -25.63 -49.80 4.97
N LEU C 4 -25.44 -49.33 3.74
CA LEU C 4 -25.40 -47.89 3.48
C LEU C 4 -26.75 -47.25 3.75
N ASP C 5 -27.84 -47.91 3.34
CA ASP C 5 -29.17 -47.38 3.62
C ASP C 5 -29.48 -47.37 5.11
N GLN C 6 -29.04 -48.42 5.83
CA GLN C 6 -29.24 -48.46 7.28
C GLN C 6 -28.46 -47.35 7.98
N LEU C 7 -27.22 -47.11 7.55
CA LEU C 7 -26.42 -46.04 8.15
C LEU C 7 -26.99 -44.67 7.82
N ARG C 8 -27.51 -44.48 6.60
CA ARG C 8 -28.15 -43.22 6.25
C ARG C 8 -29.43 -43.00 7.07
N GLN C 9 -30.22 -44.06 7.28
CA GLN C 9 -31.42 -43.94 8.11
C GLN C 9 -31.07 -43.64 9.56
N GLU C 10 -30.00 -44.24 10.07
CA GLU C 10 -29.56 -43.94 11.43
C GLU C 10 -29.06 -42.51 11.56
N ALA C 11 -28.37 -42.01 10.53
CA ALA C 11 -27.94 -40.62 10.54
C ALA C 11 -29.12 -39.66 10.50
N GLU C 12 -30.14 -39.97 9.70
CA GLU C 12 -31.34 -39.14 9.64
C GLU C 12 -32.08 -39.18 10.98
N GLN C 13 -32.16 -40.34 11.61
CA GLN C 13 -32.81 -40.46 12.91
C GLN C 13 -32.04 -39.67 13.98
N LEU C 14 -30.71 -39.70 13.92
CA LEU C 14 -29.92 -38.94 14.88
C LEU C 14 -30.06 -37.44 14.65
N LYS C 15 -30.17 -37.03 13.38
CA LYS C 15 -30.41 -35.62 13.08
C LYS C 15 -31.77 -35.16 13.61
N ASN C 16 -32.80 -36.00 13.44
CA ASN C 16 -34.12 -35.67 13.96
C ASN C 16 -34.13 -35.65 15.49
N GLN C 17 -33.36 -36.54 16.12
CA GLN C 17 -33.24 -36.53 17.58
C GLN C 17 -32.56 -35.26 18.08
N ILE C 18 -31.50 -34.83 17.37
CA ILE C 18 -30.82 -33.59 17.74
C ILE C 18 -31.74 -32.39 17.58
N ARG C 19 -32.54 -32.38 16.50
CA ARG C 19 -33.51 -31.31 16.29
C ARG C 19 -34.57 -31.30 17.39
N ASP C 20 -35.04 -32.48 17.79
CA ASP C 20 -36.04 -32.57 18.87
C ASP C 20 -35.47 -32.09 20.19
N ALA C 21 -34.21 -32.45 20.49
CA ALA C 21 -33.59 -31.97 21.72
C ALA C 21 -33.40 -30.46 21.70
N ARG C 22 -32.99 -29.90 20.56
CA ARG C 22 -32.83 -28.46 20.44
C ARG C 22 -34.16 -27.73 20.59
N LYS C 23 -35.23 -28.29 20.03
CA LYS C 23 -36.54 -27.66 20.17
C LYS C 23 -37.08 -27.82 21.59
N ALA C 24 -36.70 -28.91 22.28
CA ALA C 24 -37.10 -29.07 23.67
C ALA C 24 -36.34 -28.12 24.59
N CYS C 25 -35.14 -27.70 24.18
CA CYS C 25 -34.37 -26.73 24.94
C CYS C 25 -34.69 -25.29 24.55
N ALA C 26 -35.67 -25.08 23.66
CA ALA C 26 -36.06 -23.74 23.22
C ALA C 26 -37.27 -23.29 24.02
N ASP C 27 -37.04 -22.48 25.06
CA ASP C 27 -38.12 -21.99 25.90
C ASP C 27 -38.62 -20.62 25.45
N ALA C 28 -37.75 -19.62 25.42
CA ALA C 28 -38.12 -18.27 25.02
C ALA C 28 -36.95 -17.64 24.28
N THR C 29 -37.26 -16.85 23.25
CA THR C 29 -36.24 -16.25 22.42
C THR C 29 -35.51 -15.14 23.18
N LEU C 30 -34.31 -14.81 22.69
CA LEU C 30 -33.50 -13.76 23.29
C LEU C 30 -34.15 -12.39 23.12
N SER C 31 -34.91 -12.20 22.04
CA SER C 31 -35.63 -10.95 21.83
C SER C 31 -36.72 -10.75 22.88
N GLN C 32 -37.39 -11.83 23.28
CA GLN C 32 -38.41 -11.74 24.32
C GLN C 32 -37.82 -11.32 25.65
N ILE C 33 -36.63 -11.82 25.98
CA ILE C 33 -35.96 -11.44 27.22
C ILE C 33 -35.46 -10.01 27.15
N THR C 34 -34.86 -9.62 26.02
CA THR C 34 -34.27 -8.29 25.89
C THR C 34 -35.26 -7.24 25.38
N ASN C 35 -36.55 -7.57 25.32
CA ASN C 35 -37.55 -6.56 25.00
C ASN C 35 -37.67 -5.47 26.07
N ASN C 36 -37.15 -5.69 27.27
CA ASN C 36 -37.26 -4.74 28.36
C ASN C 36 -35.88 -4.30 28.85
N ILE C 37 -34.97 -4.02 27.92
CA ILE C 37 -33.68 -3.46 28.25
C ILE C 37 -33.50 -2.16 27.47
N ASP C 38 -32.63 -1.31 27.98
CA ASP C 38 -32.41 0.00 27.38
C ASP C 38 -31.63 -0.14 26.08
N PRO C 39 -32.15 0.34 24.95
CA PRO C 39 -31.41 0.22 23.69
C PRO C 39 -30.27 1.21 23.61
N VAL C 40 -29.21 0.78 22.93
CA VAL C 40 -28.12 1.70 22.58
C VAL C 40 -28.65 2.65 21.51
N GLY C 41 -28.57 3.95 21.79
CA GLY C 41 -29.22 4.93 20.95
C GLY C 41 -28.62 5.08 19.56
N ARG C 42 -27.40 5.61 19.50
CA ARG C 42 -26.72 5.83 18.23
C ARG C 42 -25.24 6.03 18.52
N ILE C 43 -24.40 5.25 17.86
CA ILE C 43 -22.96 5.32 18.04
C ILE C 43 -22.35 5.88 16.77
N GLN C 44 -21.62 6.98 16.90
CA GLN C 44 -21.01 7.67 15.77
C GLN C 44 -19.49 7.67 15.98
N MET C 45 -18.83 6.61 15.56
CA MET C 45 -17.38 6.58 15.57
C MET C 45 -16.84 7.33 14.35
N ARG C 46 -15.64 7.87 14.49
CA ARG C 46 -14.96 8.53 13.39
C ARG C 46 -13.54 8.02 13.30
N THR C 47 -12.92 8.27 12.15
CA THR C 47 -11.57 7.80 11.87
C THR C 47 -10.58 8.68 12.61
N ARG C 48 -10.08 8.17 13.73
CA ARG C 48 -9.00 8.85 14.44
C ARG C 48 -7.69 8.77 13.66
N ARG C 49 -7.43 7.63 13.03
CA ARG C 49 -6.18 7.40 12.31
C ARG C 49 -6.49 6.86 10.92
N THR C 50 -5.52 7.01 10.01
CA THR C 50 -5.58 6.41 8.69
C THR C 50 -4.17 6.01 8.29
N LEU C 51 -3.95 4.71 8.11
CA LEU C 51 -2.63 4.18 7.82
C LEU C 51 -2.47 4.01 6.31
N ARG C 52 -1.47 4.67 5.74
CA ARG C 52 -1.19 4.60 4.32
C ARG C 52 0.18 3.98 4.10
N GLY C 53 0.33 3.29 2.97
CA GLY C 53 1.59 2.66 2.65
C GLY C 53 1.42 1.35 1.89
N HIS C 54 0.24 0.74 1.98
CA HIS C 54 -0.06 -0.42 1.19
C HIS C 54 -0.46 0.00 -0.22
N LEU C 55 0.09 -0.69 -1.22
CA LEU C 55 -0.17 -0.38 -2.61
C LEU C 55 -0.99 -1.45 -3.32
N ALA C 56 -1.69 -2.29 -2.55
CA ALA C 56 -2.57 -3.30 -3.11
C ALA C 56 -3.66 -3.60 -2.10
N LYS C 57 -4.51 -4.57 -2.43
CA LYS C 57 -5.66 -4.87 -1.58
C LYS C 57 -5.23 -5.54 -0.29
N ILE C 58 -5.70 -5.00 0.83
CA ILE C 58 -5.40 -5.56 2.15
C ILE C 58 -6.39 -6.69 2.43
N TYR C 59 -5.86 -7.87 2.76
CA TYR C 59 -6.73 -9.00 3.04
C TYR C 59 -6.90 -9.33 4.52
N ALA C 60 -5.94 -8.96 5.37
CA ALA C 60 -6.07 -9.33 6.76
C ALA C 60 -5.38 -8.31 7.65
N MET C 61 -5.83 -8.28 8.91
CA MET C 61 -5.12 -7.57 9.97
C MET C 61 -5.34 -8.33 11.26
N HIS C 62 -4.45 -8.09 12.23
CA HIS C 62 -4.66 -8.61 13.57
C HIS C 62 -4.04 -7.61 14.54
N TRP C 63 -4.72 -7.40 15.67
CA TRP C 63 -4.26 -6.47 16.68
C TRP C 63 -3.23 -7.12 17.60
N GLY C 64 -2.58 -6.29 18.40
CA GLY C 64 -1.66 -6.76 19.41
C GLY C 64 -2.32 -6.87 20.77
N THR C 65 -1.66 -7.64 21.66
CA THR C 65 -2.11 -7.75 23.03
C THR C 65 -1.98 -6.40 23.75
N ASP C 66 -0.94 -5.63 23.42
CA ASP C 66 -0.75 -4.29 23.98
C ASP C 66 -1.77 -3.28 23.46
N SER C 67 -2.57 -3.65 22.45
CA SER C 67 -3.63 -2.81 21.89
C SER C 67 -3.09 -1.53 21.26
N ARG C 68 -1.85 -1.56 20.84
CA ARG C 68 -1.20 -0.42 20.20
C ARG C 68 -0.56 -0.78 18.87
N LEU C 69 0.07 -1.95 18.77
CA LEU C 69 0.72 -2.40 17.54
C LEU C 69 -0.22 -3.30 16.76
N LEU C 70 -0.16 -3.21 15.43
CA LEU C 70 -0.96 -4.10 14.60
C LEU C 70 -0.15 -4.53 13.40
N VAL C 71 -0.58 -5.64 12.79
CA VAL C 71 0.05 -6.18 11.60
C VAL C 71 -1.00 -6.28 10.50
N SER C 72 -0.60 -6.00 9.27
CA SER C 72 -1.50 -6.07 8.12
C SER C 72 -0.80 -6.72 6.94
N ALA C 73 -1.60 -7.37 6.09
CA ALA C 73 -1.11 -8.14 4.96
C ALA C 73 -1.79 -7.67 3.69
N SER C 74 -0.99 -7.40 2.65
CA SER C 74 -1.57 -6.98 1.38
C SER C 74 -1.00 -7.79 0.23
N GLN C 75 -1.61 -7.62 -0.94
CA GLN C 75 -1.24 -8.37 -2.14
C GLN C 75 0.09 -7.93 -2.75
N ASP C 76 0.66 -6.82 -2.29
CA ASP C 76 1.95 -6.38 -2.78
C ASP C 76 3.13 -7.13 -2.17
N GLY C 77 2.88 -8.28 -1.55
CA GLY C 77 3.93 -9.03 -0.90
C GLY C 77 4.43 -8.41 0.38
N LYS C 78 3.61 -7.59 1.03
CA LYS C 78 4.05 -6.80 2.18
C LYS C 78 3.22 -7.13 3.40
N LEU C 79 3.92 -7.41 4.50
CA LEU C 79 3.37 -7.54 5.84
C LEU C 79 3.92 -6.37 6.65
N ILE C 80 3.06 -5.41 6.97
CA ILE C 80 3.50 -4.17 7.61
C ILE C 80 3.01 -4.16 9.05
N ILE C 81 3.93 -3.91 9.98
CA ILE C 81 3.63 -3.76 11.39
C ILE C 81 3.65 -2.28 11.72
N TRP C 82 2.51 -1.77 12.18
CA TRP C 82 2.26 -0.36 12.43
C TRP C 82 2.13 -0.09 13.92
N ASP C 83 2.62 1.09 14.32
CA ASP C 83 2.32 1.69 15.62
C ASP C 83 1.12 2.61 15.43
N SER C 84 -0.04 2.20 15.95
CA SER C 84 -1.28 2.91 15.63
C SER C 84 -1.42 4.23 16.36
N TYR C 85 -0.64 4.46 17.42
CA TYR C 85 -0.77 5.70 18.17
C TYR C 85 -0.15 6.88 17.42
N THR C 86 0.96 6.65 16.73
CA THR C 86 1.69 7.72 16.06
C THR C 86 1.72 7.57 14.54
N THR C 87 1.14 6.50 14.00
CA THR C 87 1.17 6.17 12.57
C THR C 87 2.61 6.11 12.06
N ASN C 88 3.37 5.18 12.64
CA ASN C 88 4.73 4.89 12.21
C ASN C 88 4.80 3.43 11.77
N LYS C 89 5.37 3.19 10.61
CA LYS C 89 5.64 1.84 10.16
C LYS C 89 6.80 1.29 10.97
N VAL C 90 6.49 0.45 11.95
CA VAL C 90 7.54 -0.17 12.76
C VAL C 90 8.32 -1.16 11.91
N HIS C 91 7.63 -2.02 11.16
CA HIS C 91 8.30 -3.04 10.37
C HIS C 91 7.63 -3.16 9.01
N ALA C 92 8.44 -3.52 8.01
CA ALA C 92 7.95 -3.88 6.68
C ALA C 92 8.64 -5.19 6.28
N ILE C 93 7.86 -6.25 6.16
CA ILE C 93 8.36 -7.60 5.91
C ILE C 93 7.99 -7.99 4.49
N PRO C 94 8.96 -8.24 3.62
CA PRO C 94 8.64 -8.75 2.28
C PRO C 94 8.41 -10.25 2.32
N LEU C 95 7.32 -10.69 1.70
CA LEU C 95 6.95 -12.10 1.70
C LEU C 95 7.43 -12.77 0.41
N ARG C 96 7.74 -14.05 0.52
CA ARG C 96 8.12 -14.82 -0.67
C ARG C 96 6.93 -14.99 -1.62
N SER C 97 5.74 -15.18 -1.07
CA SER C 97 4.52 -15.26 -1.86
C SER C 97 3.66 -14.04 -1.57
N SER C 98 3.23 -13.36 -2.62
CA SER C 98 2.41 -12.16 -2.48
C SER C 98 0.92 -12.49 -2.35
N TRP C 99 0.55 -13.76 -2.41
CA TRP C 99 -0.85 -14.17 -2.36
C TRP C 99 -1.24 -14.56 -0.95
N VAL C 100 -1.19 -13.57 -0.06
CA VAL C 100 -1.45 -13.74 1.36
C VAL C 100 -2.91 -13.38 1.64
N MET C 101 -3.59 -14.22 2.42
CA MET C 101 -4.98 -13.97 2.77
C MET C 101 -5.23 -13.94 4.27
N THR C 102 -4.24 -14.25 5.10
CA THR C 102 -4.41 -14.20 6.54
C THR C 102 -3.11 -13.77 7.19
N CYS C 103 -3.24 -13.22 8.40
CA CYS C 103 -2.08 -12.86 9.20
C CYS C 103 -2.45 -12.90 10.66
N ALA C 104 -1.46 -13.15 11.51
CA ALA C 104 -1.67 -13.28 12.94
C ALA C 104 -0.52 -12.59 13.68
N TYR C 105 -0.77 -12.28 14.94
CA TYR C 105 0.20 -11.63 15.80
C TYR C 105 0.24 -12.41 17.11
N ALA C 106 1.43 -12.76 17.57
CA ALA C 106 1.57 -13.59 18.76
C ALA C 106 1.15 -12.80 20.00
N PRO C 107 0.52 -13.46 20.99
CA PRO C 107 0.19 -12.77 22.24
C PRO C 107 1.39 -12.24 22.99
N SER C 108 2.53 -12.92 22.90
CA SER C 108 3.76 -12.40 23.48
C SER C 108 4.29 -11.20 22.70
N GLY C 109 4.09 -11.19 21.40
CA GLY C 109 4.57 -10.11 20.56
C GLY C 109 5.90 -10.36 19.90
N ASN C 110 6.42 -11.59 19.92
CA ASN C 110 7.72 -11.88 19.35
C ASN C 110 7.64 -12.42 17.92
N TYR C 111 6.49 -12.92 17.50
CA TYR C 111 6.35 -13.55 16.19
C TYR C 111 5.10 -13.05 15.48
N VAL C 112 5.15 -13.11 14.15
CA VAL C 112 3.96 -12.91 13.33
C VAL C 112 3.83 -14.09 12.38
N ALA C 113 2.65 -14.25 11.81
CA ALA C 113 2.39 -15.36 10.90
C ALA C 113 1.63 -14.85 9.69
N CYS C 114 1.78 -15.56 8.57
CA CYS C 114 1.01 -15.25 7.38
C CYS C 114 0.86 -16.52 6.54
N GLY C 115 -0.04 -16.46 5.56
CA GLY C 115 -0.24 -17.60 4.67
C GLY C 115 -1.29 -17.26 3.64
N GLY C 116 -1.43 -18.17 2.67
CA GLY C 116 -2.37 -17.96 1.59
C GLY C 116 -2.34 -19.04 0.54
N LEU C 117 -2.26 -18.63 -0.74
CA LEU C 117 -2.30 -19.57 -1.85
C LEU C 117 -1.03 -20.41 -1.97
N ASP C 118 0.02 -20.07 -1.24
CA ASP C 118 1.23 -20.89 -1.20
C ASP C 118 1.08 -22.14 -0.34
N ASN C 119 -0.03 -22.25 0.40
CA ASN C 119 -0.36 -23.37 1.28
C ASN C 119 0.67 -23.56 2.38
N ILE C 120 1.31 -22.48 2.81
CA ILE C 120 2.38 -22.53 3.80
C ILE C 120 2.13 -21.45 4.85
N CYS C 121 2.21 -21.82 6.13
CA CYS C 121 2.14 -20.86 7.23
C CYS C 121 3.55 -20.40 7.56
N SER C 122 3.85 -19.14 7.30
CA SER C 122 5.17 -18.59 7.55
C SER C 122 5.17 -17.84 8.87
N ILE C 123 6.08 -18.21 9.75
CA ILE C 123 6.27 -17.59 11.06
C ILE C 123 7.55 -16.78 11.02
N TYR C 124 7.42 -15.49 11.29
CA TYR C 124 8.54 -14.54 11.27
C TYR C 124 8.85 -14.10 12.69
N ASN C 125 10.15 -14.06 13.00
CA ASN C 125 10.65 -13.63 14.30
C ASN C 125 10.91 -12.13 14.23
N LEU C 126 10.29 -11.37 15.14
CA LEU C 126 10.41 -9.93 15.14
C LEU C 126 11.56 -9.42 16.00
N LYS C 127 12.08 -10.23 16.91
CA LYS C 127 13.08 -9.79 17.88
C LYS C 127 14.31 -10.68 17.75
N THR C 128 15.24 -10.26 16.89
CA THR C 128 16.49 -10.97 16.65
C THR C 128 17.66 -10.09 17.08
N ARG C 129 18.83 -10.73 17.19
CA ARG C 129 20.05 -9.98 17.49
C ARG C 129 20.39 -9.02 16.36
N GLU C 130 20.23 -9.47 15.12
CA GLU C 130 20.28 -8.59 13.98
C GLU C 130 19.02 -7.74 13.92
N GLY C 131 19.09 -6.64 13.17
CA GLY C 131 17.97 -5.73 13.09
C GLY C 131 16.87 -6.10 12.12
N ASN C 132 17.00 -7.23 11.42
CA ASN C 132 16.03 -7.62 10.42
C ASN C 132 15.07 -8.68 10.96
N VAL C 133 13.93 -8.79 10.31
CA VAL C 133 12.93 -9.81 10.60
C VAL C 133 13.07 -10.91 9.55
N ARG C 134 13.29 -12.15 10.00
CA ARG C 134 13.51 -13.26 9.11
C ARG C 134 12.46 -14.34 9.33
N VAL C 135 12.37 -15.24 8.35
CA VAL C 135 11.46 -16.38 8.45
C VAL C 135 11.99 -17.34 9.51
N SER C 136 11.20 -17.52 10.58
CA SER C 136 11.58 -18.46 11.63
C SER C 136 11.08 -19.87 11.35
N ARG C 137 9.94 -19.99 10.67
CA ARG C 137 9.38 -21.32 10.40
C ARG C 137 8.51 -21.25 9.15
N GLU C 138 8.47 -22.35 8.41
CA GLU C 138 7.59 -22.50 7.25
C GLU C 138 6.82 -23.81 7.42
N LEU C 139 5.68 -23.72 8.11
CA LEU C 139 4.85 -24.90 8.34
C LEU C 139 4.13 -25.28 7.05
N ALA C 140 4.39 -26.50 6.58
CA ALA C 140 3.82 -27.01 5.34
C ALA C 140 3.16 -28.36 5.62
N GLY C 141 2.17 -28.70 4.80
CA GLY C 141 1.43 -29.93 5.00
C GLY C 141 -0.03 -29.82 4.62
N HIS C 142 -0.55 -28.59 4.58
CA HIS C 142 -1.89 -28.37 4.05
C HIS C 142 -1.90 -28.57 2.53
N THR C 143 -3.03 -29.05 2.01
CA THR C 143 -3.21 -29.21 0.58
C THR C 143 -4.22 -28.22 0.01
N GLY C 144 -4.51 -27.15 0.74
CA GLY C 144 -5.39 -26.09 0.27
C GLY C 144 -4.95 -24.77 0.86
N TYR C 145 -5.57 -23.70 0.38
CA TYR C 145 -5.18 -22.36 0.78
C TYR C 145 -5.48 -22.11 2.25
N LEU C 146 -4.54 -21.48 2.96
CA LEU C 146 -4.79 -21.08 4.33
C LEU C 146 -5.66 -19.83 4.39
N SER C 147 -6.78 -19.94 5.11
CA SER C 147 -7.71 -18.83 5.23
C SER C 147 -7.61 -18.10 6.56
N CYS C 148 -7.12 -18.77 7.60
CA CYS C 148 -6.96 -18.13 8.91
C CYS C 148 -5.86 -18.84 9.69
N CYS C 149 -5.26 -18.11 10.61
CA CYS C 149 -4.26 -18.65 11.52
C CYS C 149 -4.28 -17.83 12.80
N ARG C 150 -4.14 -18.52 13.94
CA ARG C 150 -4.18 -17.87 15.24
C ARG C 150 -3.17 -18.56 16.16
N PHE C 151 -2.46 -17.75 16.95
CA PHE C 151 -1.49 -18.28 17.89
C PHE C 151 -2.17 -18.69 19.20
N LEU C 152 -1.76 -19.83 19.74
CA LEU C 152 -2.09 -20.19 21.12
C LEU C 152 -1.00 -19.70 22.07
N ASP C 153 0.26 -19.95 21.72
CA ASP C 153 1.41 -19.45 22.45
C ASP C 153 2.54 -19.23 21.45
N ASP C 154 3.77 -19.11 21.95
CA ASP C 154 4.92 -18.92 21.08
C ASP C 154 5.30 -20.17 20.31
N ASN C 155 4.80 -21.34 20.71
CA ASN C 155 5.19 -22.60 20.08
C ASN C 155 4.05 -23.35 19.40
N GLN C 156 2.80 -23.01 19.70
CA GLN C 156 1.64 -23.69 19.10
C GLN C 156 0.85 -22.70 18.25
N ILE C 157 0.47 -23.14 17.06
CA ILE C 157 -0.39 -22.35 16.19
C ILE C 157 -1.53 -23.23 15.69
N VAL C 158 -2.64 -22.60 15.33
CA VAL C 158 -3.78 -23.29 14.75
C VAL C 158 -4.12 -22.62 13.42
N THR C 159 -4.30 -23.42 12.38
CA THR C 159 -4.55 -22.95 11.03
C THR C 159 -5.81 -23.59 10.47
N SER C 160 -6.49 -22.87 9.60
CA SER C 160 -7.62 -23.37 8.84
C SER C 160 -7.32 -23.25 7.36
N SER C 161 -7.63 -24.30 6.60
CA SER C 161 -7.22 -24.37 5.21
C SER C 161 -8.41 -24.65 4.30
N GLY C 162 -8.16 -24.53 3.01
CA GLY C 162 -9.04 -24.85 1.92
C GLY C 162 -9.07 -26.31 1.55
N ASP C 163 -8.40 -27.18 2.31
CA ASP C 163 -8.53 -28.61 2.18
C ASP C 163 -9.57 -29.20 3.13
N THR C 164 -10.53 -28.38 3.56
CA THR C 164 -11.65 -28.73 4.45
C THR C 164 -11.19 -29.23 5.82
N THR C 165 -9.96 -28.91 6.23
CA THR C 165 -9.42 -29.38 7.49
C THR C 165 -8.75 -28.23 8.23
N CYS C 166 -8.67 -28.37 9.54
CA CYS C 166 -7.88 -27.48 10.39
C CYS C 166 -6.69 -28.25 10.94
N ALA C 167 -5.70 -27.51 11.42
CA ALA C 167 -4.49 -28.12 11.94
C ALA C 167 -3.99 -27.37 13.16
N LEU C 168 -3.37 -28.10 14.07
CA LEU C 168 -2.66 -27.55 15.22
C LEU C 168 -1.20 -27.98 15.09
N TRP C 169 -0.32 -27.00 14.98
CA TRP C 169 1.11 -27.20 14.72
C TRP C 169 1.94 -26.83 15.94
N ASP C 170 2.99 -27.62 16.16
CA ASP C 170 4.09 -27.25 17.03
C ASP C 170 5.17 -26.58 16.18
N ILE C 171 5.50 -25.33 16.50
CA ILE C 171 6.38 -24.55 15.64
C ILE C 171 7.82 -25.05 15.71
N GLU C 172 8.28 -25.44 16.91
CA GLU C 172 9.65 -25.92 17.06
C GLU C 172 9.88 -27.23 16.30
N THR C 173 8.93 -28.15 16.39
CA THR C 173 9.02 -29.38 15.60
C THR C 173 8.70 -29.14 14.14
N GLY C 174 7.79 -28.21 13.85
CA GLY C 174 7.37 -27.95 12.49
C GLY C 174 6.39 -28.94 11.93
N GLN C 175 5.75 -29.74 12.76
CA GLN C 175 4.87 -30.81 12.32
C GLN C 175 3.46 -30.60 12.87
N GLN C 176 2.49 -31.18 12.16
CA GLN C 176 1.09 -31.11 12.57
C GLN C 176 0.87 -31.98 13.80
N THR C 177 0.71 -31.35 14.95
CA THR C 177 0.39 -32.09 16.17
C THR C 177 -1.00 -32.71 16.07
N THR C 178 -1.98 -31.94 15.63
CA THR C 178 -3.37 -32.41 15.60
C THR C 178 -4.01 -32.00 14.28
N THR C 179 -4.82 -32.88 13.71
CA THR C 179 -5.57 -32.58 12.50
C THR C 179 -7.06 -32.66 12.82
N PHE C 180 -7.80 -31.61 12.46
CA PHE C 180 -9.22 -31.48 12.75
C PHE C 180 -9.98 -31.67 11.44
N THR C 181 -10.67 -32.81 11.31
CA THR C 181 -11.39 -33.18 10.11
C THR C 181 -12.87 -33.34 10.43
N GLY C 182 -13.71 -33.09 9.42
CA GLY C 182 -15.14 -33.21 9.59
C GLY C 182 -15.94 -32.21 8.80
N HIS C 183 -15.31 -31.12 8.38
CA HIS C 183 -15.98 -30.14 7.53
C HIS C 183 -16.09 -30.68 6.10
N THR C 184 -17.21 -30.37 5.46
CA THR C 184 -17.43 -30.75 4.07
C THR C 184 -16.99 -29.65 3.12
N GLY C 185 -17.30 -28.39 3.46
CA GLY C 185 -16.84 -27.26 2.68
C GLY C 185 -15.52 -26.70 3.18
N ASP C 186 -15.00 -25.74 2.43
CA ASP C 186 -13.69 -25.19 2.72
C ASP C 186 -13.78 -24.23 3.91
N VAL C 187 -12.87 -24.40 4.87
CA VAL C 187 -12.91 -23.63 6.10
C VAL C 187 -12.37 -22.23 5.83
N MET C 188 -13.12 -21.21 6.25
CA MET C 188 -12.76 -19.82 5.97
C MET C 188 -12.23 -19.06 7.18
N SER C 189 -12.64 -19.42 8.40
CA SER C 189 -12.34 -18.55 9.53
C SER C 189 -12.10 -19.39 10.78
N LEU C 190 -11.37 -18.79 11.71
CA LEU C 190 -11.01 -19.40 12.98
C LEU C 190 -11.32 -18.41 14.10
N SER C 191 -11.58 -18.95 15.29
CA SER C 191 -11.69 -18.12 16.48
C SER C 191 -11.39 -18.97 17.70
N LEU C 192 -10.40 -18.55 18.48
CA LEU C 192 -10.02 -19.23 19.71
C LEU C 192 -10.83 -18.70 20.88
N ALA C 193 -11.12 -19.60 21.82
CA ALA C 193 -11.75 -19.19 23.07
C ALA C 193 -10.74 -18.37 23.90
N PRO C 194 -11.24 -17.49 24.78
CA PRO C 194 -10.32 -16.77 25.68
C PRO C 194 -9.51 -17.68 26.59
N ASP C 195 -10.07 -18.83 26.99
CA ASP C 195 -9.35 -19.78 27.81
C ASP C 195 -8.46 -20.73 27.01
N THR C 196 -8.52 -20.64 25.68
CA THR C 196 -7.58 -21.29 24.75
C THR C 196 -7.54 -22.82 24.91
N ARG C 197 -8.70 -23.43 25.12
CA ARG C 197 -8.80 -24.88 25.14
C ARG C 197 -9.73 -25.43 24.08
N LEU C 198 -10.47 -24.57 23.39
CA LEU C 198 -11.45 -24.97 22.38
C LEU C 198 -11.59 -23.84 21.37
N PHE C 199 -12.01 -24.19 20.16
CA PHE C 199 -12.14 -23.18 19.12
C PHE C 199 -13.26 -23.52 18.15
N VAL C 200 -13.81 -22.48 17.52
CA VAL C 200 -14.86 -22.62 16.52
C VAL C 200 -14.27 -22.35 15.14
N SER C 201 -14.82 -23.04 14.14
CA SER C 201 -14.48 -22.80 12.76
C SER C 201 -15.76 -22.70 11.94
N GLY C 202 -15.70 -21.96 10.86
CA GLY C 202 -16.82 -21.86 9.94
C GLY C 202 -16.38 -22.15 8.53
N ALA C 203 -17.19 -22.92 7.80
CA ALA C 203 -16.75 -23.36 6.48
C ALA C 203 -17.80 -23.02 5.43
N CYS C 204 -17.51 -23.43 4.20
CA CYS C 204 -18.38 -23.22 3.05
C CYS C 204 -19.47 -24.27 2.93
N ASP C 205 -19.60 -25.15 3.90
CA ASP C 205 -20.73 -26.07 3.99
C ASP C 205 -21.90 -25.47 4.76
N ALA C 206 -21.90 -24.14 4.93
CA ALA C 206 -22.91 -23.41 5.71
C ALA C 206 -23.00 -23.92 7.15
N SER C 207 -21.85 -24.21 7.75
CA SER C 207 -21.86 -24.76 9.09
C SER C 207 -20.63 -24.29 9.87
N ALA C 208 -20.82 -24.22 11.19
CA ALA C 208 -19.75 -23.96 12.13
C ALA C 208 -19.55 -25.20 12.99
N LYS C 209 -18.30 -25.44 13.38
CA LYS C 209 -17.94 -26.60 14.18
C LYS C 209 -17.10 -26.17 15.37
N LEU C 210 -17.48 -26.66 16.55
CA LEU C 210 -16.79 -26.39 17.79
C LEU C 210 -15.93 -27.61 18.14
N TRP C 211 -14.61 -27.39 18.21
CA TRP C 211 -13.61 -28.42 18.42
C TRP C 211 -12.88 -28.19 19.74
N ASP C 212 -12.40 -29.29 20.32
CA ASP C 212 -11.52 -29.27 21.47
C ASP C 212 -10.08 -29.44 20.99
N VAL C 213 -9.19 -28.57 21.48
CA VAL C 213 -7.81 -28.56 21.01
C VAL C 213 -7.07 -29.80 21.50
N ARG C 214 -7.22 -30.15 22.77
CA ARG C 214 -6.46 -31.27 23.34
C ARG C 214 -6.98 -32.61 22.82
N GLU C 215 -8.30 -32.79 22.81
CA GLU C 215 -8.87 -34.06 22.36
C GLU C 215 -8.83 -34.20 20.85
N GLY C 216 -8.83 -33.10 20.11
CA GLY C 216 -8.79 -33.14 18.66
C GLY C 216 -10.03 -33.71 18.01
N MET C 217 -11.20 -33.39 18.54
CA MET C 217 -12.46 -33.90 18.01
C MET C 217 -13.50 -32.79 18.03
N CYS C 218 -14.52 -32.97 17.20
CA CYS C 218 -15.59 -31.97 17.06
C CYS C 218 -16.59 -32.16 18.19
N ARG C 219 -16.64 -31.19 19.10
CA ARG C 219 -17.65 -31.22 20.16
C ARG C 219 -19.04 -30.96 19.59
N GLN C 220 -19.20 -29.91 18.80
CA GLN C 220 -20.55 -29.48 18.42
C GLN C 220 -20.58 -29.00 16.97
N THR C 221 -21.77 -29.01 16.39
CA THR C 221 -21.99 -28.54 15.03
C THR C 221 -23.22 -27.63 15.00
N PHE C 222 -23.11 -26.52 14.26
CA PHE C 222 -24.15 -25.51 14.20
C PHE C 222 -24.47 -25.22 12.75
N THR C 223 -25.75 -25.30 12.39
CA THR C 223 -26.23 -25.17 11.02
C THR C 223 -27.44 -24.24 11.01
N GLY C 224 -27.20 -22.96 10.76
CA GLY C 224 -28.29 -22.02 10.60
C GLY C 224 -28.25 -21.24 9.30
N HIS C 225 -27.05 -21.08 8.74
CA HIS C 225 -26.86 -20.24 7.57
C HIS C 225 -27.28 -20.96 6.30
N GLU C 226 -27.43 -20.20 5.23
CA GLU C 226 -27.82 -20.71 3.93
C GLU C 226 -26.69 -20.61 2.91
N SER C 227 -25.54 -20.08 3.27
CA SER C 227 -24.45 -19.91 2.32
C SER C 227 -23.12 -20.02 3.08
N ASP C 228 -22.03 -19.64 2.42
CA ASP C 228 -20.69 -19.89 2.91
C ASP C 228 -20.37 -18.95 4.06
N ILE C 229 -20.03 -19.52 5.21
CA ILE C 229 -19.64 -18.73 6.38
C ILE C 229 -18.21 -18.24 6.16
N ASN C 230 -18.02 -16.92 6.18
CA ASN C 230 -16.72 -16.32 5.94
C ASN C 230 -16.02 -15.87 7.21
N ALA C 231 -16.76 -15.60 8.28
CA ALA C 231 -16.19 -15.03 9.49
C ALA C 231 -16.80 -15.69 10.72
N ILE C 232 -16.03 -15.70 11.80
CA ILE C 232 -16.46 -16.27 13.07
C ILE C 232 -15.71 -15.56 14.19
N CYS C 233 -16.34 -15.47 15.36
CA CYS C 233 -15.77 -14.75 16.49
C CYS C 233 -16.48 -15.16 17.77
N PHE C 234 -15.69 -15.45 18.81
CA PHE C 234 -16.26 -15.81 20.11
C PHE C 234 -16.84 -14.60 20.83
N PHE C 235 -17.87 -14.85 21.63
CA PHE C 235 -18.32 -13.89 22.62
C PHE C 235 -17.24 -13.78 23.70
N PRO C 236 -17.15 -12.63 24.39
CA PRO C 236 -16.09 -12.45 25.40
C PRO C 236 -16.10 -13.45 26.55
N ASN C 237 -17.24 -14.05 26.90
CA ASN C 237 -17.24 -15.01 28.00
C ASN C 237 -16.93 -16.42 27.55
N GLY C 238 -16.81 -16.65 26.24
CA GLY C 238 -16.48 -17.96 25.71
C GLY C 238 -17.63 -18.93 25.62
N ASN C 239 -18.86 -18.50 25.91
CA ASN C 239 -20.02 -19.38 25.90
C ASN C 239 -20.89 -19.20 24.67
N ALA C 240 -20.52 -18.33 23.74
CA ALA C 240 -21.32 -18.07 22.56
C ALA C 240 -20.39 -17.55 21.46
N PHE C 241 -20.91 -17.51 20.23
CA PHE C 241 -20.12 -16.97 19.13
C PHE C 241 -21.06 -16.43 18.06
N ALA C 242 -20.47 -15.72 17.10
CA ALA C 242 -21.21 -15.09 16.03
C ALA C 242 -20.54 -15.39 14.69
N THR C 243 -21.36 -15.50 13.65
CA THR C 243 -20.90 -15.84 12.31
C THR C 243 -21.48 -14.88 11.29
N GLY C 244 -20.71 -14.64 10.24
CA GLY C 244 -21.19 -13.90 9.10
C GLY C 244 -20.95 -14.69 7.83
N SER C 245 -21.89 -14.59 6.91
CA SER C 245 -21.87 -15.42 5.71
C SER C 245 -22.32 -14.61 4.51
N ASP C 246 -22.45 -15.27 3.37
CA ASP C 246 -22.78 -14.62 2.11
C ASP C 246 -24.28 -14.46 1.89
N ASP C 247 -25.12 -14.89 2.85
CA ASP C 247 -26.55 -14.66 2.77
C ASP C 247 -26.97 -13.36 3.44
N ALA C 248 -26.03 -12.43 3.65
CA ALA C 248 -26.26 -11.11 4.21
C ALA C 248 -26.87 -11.16 5.61
N THR C 249 -26.52 -12.19 6.39
CA THR C 249 -27.01 -12.34 7.75
C THR C 249 -25.87 -12.65 8.69
N CYS C 250 -25.90 -12.03 9.87
CA CYS C 250 -25.09 -12.48 11.00
C CYS C 250 -25.94 -13.37 11.88
N ARG C 251 -25.32 -14.39 12.48
CA ARG C 251 -26.04 -15.27 13.37
C ARG C 251 -25.23 -15.51 14.64
N LEU C 252 -25.88 -15.28 15.77
CA LEU C 252 -25.29 -15.50 17.09
C LEU C 252 -25.81 -16.82 17.63
N PHE C 253 -24.87 -17.77 17.80
CA PHE C 253 -25.12 -19.11 18.31
C PHE C 253 -24.62 -19.22 19.75
N ASP C 254 -25.23 -20.13 20.50
CA ASP C 254 -24.88 -20.41 21.88
C ASP C 254 -24.30 -21.81 21.99
N LEU C 255 -23.22 -21.93 22.76
CA LEU C 255 -22.57 -23.22 22.95
C LEU C 255 -23.37 -24.14 23.87
N ARG C 256 -23.89 -23.59 24.97
CA ARG C 256 -24.49 -24.44 26.00
C ARG C 256 -25.87 -24.95 25.62
N ALA C 257 -26.65 -24.17 24.87
CA ALA C 257 -27.93 -24.65 24.38
C ALA C 257 -27.81 -25.35 23.03
N ASP C 258 -26.66 -25.19 22.34
CA ASP C 258 -26.38 -25.78 21.04
C ASP C 258 -27.47 -25.38 20.03
N GLN C 259 -27.65 -24.07 19.87
CA GLN C 259 -28.77 -23.54 19.12
C GLN C 259 -28.45 -22.10 18.73
N GLU C 260 -29.07 -21.66 17.63
CA GLU C 260 -28.94 -20.28 17.19
C GLU C 260 -29.80 -19.38 18.05
N LEU C 261 -29.20 -18.30 18.55
CA LEU C 261 -29.89 -17.37 19.44
C LEU C 261 -30.47 -16.17 18.70
N MET C 262 -29.67 -15.54 17.84
CA MET C 262 -30.11 -14.28 17.24
C MET C 262 -29.69 -14.22 15.77
N THR C 263 -30.54 -13.59 14.95
CA THR C 263 -30.23 -13.30 13.56
C THR C 263 -30.23 -11.79 13.34
N TYR C 264 -29.14 -11.29 12.78
CA TYR C 264 -28.97 -9.87 12.47
C TYR C 264 -29.03 -9.72 10.96
N SER C 265 -30.10 -9.09 10.46
CA SER C 265 -30.31 -8.95 9.04
C SER C 265 -31.11 -7.70 8.74
N HIS C 266 -30.98 -7.20 7.52
CA HIS C 266 -31.76 -6.08 7.03
C HIS C 266 -32.14 -6.34 5.58
N ASP C 267 -33.31 -5.81 5.18
CA ASP C 267 -33.74 -5.96 3.80
C ASP C 267 -32.90 -5.13 2.85
N ASN C 268 -32.29 -4.04 3.34
CA ASN C 268 -31.43 -3.20 2.52
C ASN C 268 -30.06 -3.81 2.30
N ILE C 269 -29.68 -4.83 3.05
CA ILE C 269 -28.38 -5.48 2.92
C ILE C 269 -28.56 -6.74 2.09
N ILE C 270 -27.89 -6.81 0.94
CA ILE C 270 -27.97 -7.95 0.05
C ILE C 270 -26.56 -8.42 -0.30
N CYS C 271 -25.57 -7.96 0.46
CA CYS C 271 -24.17 -8.28 0.22
C CYS C 271 -23.62 -9.14 1.33
N GLY C 272 -22.54 -9.84 1.04
CA GLY C 272 -21.95 -10.75 1.99
C GLY C 272 -21.20 -10.05 3.11
N ILE C 273 -20.77 -10.86 4.07
CA ILE C 273 -20.07 -10.40 5.26
C ILE C 273 -18.67 -10.99 5.25
N THR C 274 -17.66 -10.12 5.39
CA THR C 274 -16.27 -10.53 5.36
C THR C 274 -15.69 -10.79 6.75
N SER C 275 -15.98 -9.93 7.72
CA SER C 275 -15.37 -10.03 9.04
C SER C 275 -16.35 -9.59 10.12
N VAL C 276 -16.34 -10.29 11.24
CA VAL C 276 -17.13 -9.92 12.41
C VAL C 276 -16.23 -9.94 13.64
N SER C 277 -16.55 -9.05 14.59
CA SER C 277 -15.89 -9.05 15.89
C SER C 277 -16.83 -8.40 16.90
N PHE C 278 -16.55 -8.65 18.17
CA PHE C 278 -17.35 -8.11 19.27
C PHE C 278 -16.62 -6.94 19.92
N SER C 279 -17.35 -6.23 20.77
CA SER C 279 -16.76 -5.21 21.62
C SER C 279 -16.18 -5.88 22.86
N LYS C 280 -15.77 -5.08 23.84
CA LYS C 280 -15.20 -5.65 25.06
C LYS C 280 -16.27 -6.34 25.91
N SER C 281 -17.42 -5.70 26.08
CA SER C 281 -18.52 -6.33 26.81
C SER C 281 -19.34 -7.27 25.93
N GLY C 282 -19.18 -7.21 24.62
CA GLY C 282 -19.87 -8.10 23.72
C GLY C 282 -21.23 -7.64 23.26
N ARG C 283 -21.69 -6.46 23.66
CA ARG C 283 -23.01 -6.03 23.24
C ARG C 283 -22.99 -5.40 21.85
N LEU C 284 -21.82 -5.03 21.34
CA LEU C 284 -21.69 -4.52 19.99
C LEU C 284 -21.09 -5.59 19.09
N LEU C 285 -21.73 -5.84 17.95
CA LEU C 285 -21.24 -6.77 16.94
C LEU C 285 -20.92 -5.97 15.68
N LEU C 286 -19.64 -5.86 15.35
CA LEU C 286 -19.20 -5.07 14.21
C LEU C 286 -18.95 -5.99 13.04
N ALA C 287 -19.69 -5.78 11.95
CA ALA C 287 -19.63 -6.65 10.78
C ALA C 287 -19.21 -5.83 9.57
N GLY C 288 -18.18 -6.29 8.87
CA GLY C 288 -17.76 -5.67 7.62
C GLY C 288 -18.42 -6.35 6.44
N TYR C 289 -18.87 -5.54 5.49
CA TYR C 289 -19.67 -6.02 4.37
C TYR C 289 -18.97 -5.71 3.06
N ASP C 290 -19.59 -6.15 1.96
CA ASP C 290 -19.07 -5.88 0.63
C ASP C 290 -19.54 -4.54 0.08
N ASP C 291 -20.46 -3.85 0.75
CA ASP C 291 -21.00 -2.58 0.28
C ASP C 291 -20.20 -1.38 0.78
N PHE C 292 -18.91 -1.58 1.05
CA PHE C 292 -17.89 -0.57 1.32
C PHE C 292 -18.01 0.04 2.71
N ASN C 293 -18.83 -0.52 3.60
CA ASN C 293 -18.98 0.05 4.93
C ASN C 293 -19.26 -1.05 5.95
N CYS C 294 -19.02 -0.71 7.21
CA CYS C 294 -19.24 -1.61 8.34
C CYS C 294 -20.54 -1.25 9.05
N ASN C 295 -21.16 -2.25 9.67
CA ASN C 295 -22.37 -2.05 10.46
C ASN C 295 -22.12 -2.50 11.89
N VAL C 296 -22.48 -1.63 12.83
CA VAL C 296 -22.42 -1.91 14.26
C VAL C 296 -23.81 -2.29 14.69
N TRP C 297 -23.99 -3.57 15.02
CA TRP C 297 -25.25 -4.14 15.46
C TRP C 297 -25.30 -4.24 16.98
N ASP C 298 -26.50 -4.13 17.52
CA ASP C 298 -26.74 -4.43 18.92
C ASP C 298 -26.87 -5.94 19.08
N ALA C 299 -25.98 -6.54 19.88
CA ALA C 299 -25.94 -7.99 19.97
C ALA C 299 -27.11 -8.56 20.77
N LEU C 300 -27.78 -7.75 21.58
CA LEU C 300 -28.88 -8.23 22.39
C LEU C 300 -30.26 -7.87 21.82
N LYS C 301 -30.35 -6.85 20.99
CA LYS C 301 -31.63 -6.38 20.48
C LYS C 301 -31.74 -6.46 18.96
N ALA C 302 -30.66 -6.84 18.27
CA ALA C 302 -30.62 -6.99 16.80
C ALA C 302 -31.02 -5.70 16.09
N ASP C 303 -30.54 -4.57 16.60
CA ASP C 303 -30.80 -3.27 16.00
C ASP C 303 -29.50 -2.69 15.46
N ARG C 304 -29.60 -2.01 14.33
CA ARG C 304 -28.45 -1.36 13.70
C ARG C 304 -28.08 -0.15 14.53
N ALA C 305 -27.06 -0.29 15.38
CA ALA C 305 -26.65 0.82 16.24
C ALA C 305 -25.89 1.88 15.48
N GLY C 306 -25.13 1.49 14.45
CA GLY C 306 -24.36 2.49 13.74
C GLY C 306 -23.78 1.97 12.45
N VAL C 307 -23.19 2.90 11.68
CA VAL C 307 -22.57 2.61 10.41
C VAL C 307 -21.19 3.27 10.38
N LEU C 308 -20.16 2.49 10.03
CA LEU C 308 -18.81 3.00 9.80
C LEU C 308 -18.59 3.07 8.29
N ALA C 309 -18.75 4.27 7.73
CA ALA C 309 -18.58 4.49 6.31
C ALA C 309 -17.38 5.38 6.06
N GLY C 310 -16.70 5.15 4.94
CA GLY C 310 -15.48 5.89 4.66
C GLY C 310 -14.43 5.10 3.90
N HIS C 311 -14.67 3.81 3.71
CA HIS C 311 -13.81 2.99 2.86
C HIS C 311 -14.35 3.00 1.44
N ASP C 312 -13.46 3.22 0.47
CA ASP C 312 -13.84 3.32 -0.93
C ASP C 312 -13.93 1.96 -1.62
N ASN C 313 -13.59 0.87 -0.92
CA ASN C 313 -13.71 -0.46 -1.48
C ASN C 313 -14.21 -1.40 -0.39
N ARG C 314 -14.24 -2.69 -0.70
CA ARG C 314 -14.86 -3.68 0.16
C ARG C 314 -14.06 -3.87 1.44
N VAL C 315 -14.72 -3.75 2.58
CA VAL C 315 -14.09 -3.94 3.88
C VAL C 315 -13.73 -5.41 4.02
N SER C 316 -12.43 -5.72 3.98
CA SER C 316 -11.99 -7.11 3.99
C SER C 316 -11.77 -7.65 5.39
N CYS C 317 -11.47 -6.80 6.36
CA CYS C 317 -11.19 -7.27 7.71
C CYS C 317 -11.43 -6.14 8.70
N LEU C 318 -11.72 -6.53 9.95
CA LEU C 318 -11.79 -5.58 11.03
C LEU C 318 -11.32 -6.27 12.31
N GLY C 319 -10.90 -5.46 13.27
CA GLY C 319 -10.43 -5.98 14.54
C GLY C 319 -10.66 -5.00 15.65
N VAL C 320 -10.90 -5.52 16.85
CA VAL C 320 -11.14 -4.72 18.04
C VAL C 320 -10.01 -5.00 19.02
N THR C 321 -9.50 -3.94 19.66
CA THR C 321 -8.38 -4.07 20.58
C THR C 321 -8.80 -4.80 21.85
N ASP C 322 -7.79 -5.21 22.63
CA ASP C 322 -8.04 -5.96 23.84
C ASP C 322 -8.68 -5.11 24.93
N ASP C 323 -8.37 -3.81 24.97
CA ASP C 323 -9.00 -2.90 25.91
C ASP C 323 -10.29 -2.29 25.38
N GLY C 324 -10.68 -2.61 24.14
CA GLY C 324 -11.89 -2.07 23.58
C GLY C 324 -11.80 -0.62 23.20
N MET C 325 -10.59 -0.09 23.00
CA MET C 325 -10.41 1.33 22.78
C MET C 325 -10.82 1.75 21.36
N ALA C 326 -10.51 0.92 20.35
CA ALA C 326 -10.71 1.34 18.97
C ALA C 326 -10.97 0.12 18.11
N VAL C 327 -11.52 0.37 16.92
CA VAL C 327 -11.79 -0.67 15.94
C VAL C 327 -11.07 -0.31 14.65
N ALA C 328 -10.17 -1.18 14.20
CA ALA C 328 -9.41 -0.90 13.00
C ALA C 328 -9.89 -1.80 11.87
N THR C 329 -10.19 -1.19 10.73
CA THR C 329 -10.73 -1.86 9.57
C THR C 329 -9.77 -1.72 8.40
N GLY C 330 -9.55 -2.83 7.70
CA GLY C 330 -8.77 -2.83 6.48
C GLY C 330 -9.64 -3.27 5.32
N SER C 331 -9.47 -2.60 4.17
CA SER C 331 -10.32 -2.81 3.02
C SER C 331 -9.47 -2.94 1.77
N TRP C 332 -10.15 -3.16 0.63
CA TRP C 332 -9.48 -3.35 -0.65
C TRP C 332 -9.01 -2.04 -1.27
N ASP C 333 -9.31 -0.90 -0.66
CA ASP C 333 -8.83 0.39 -1.15
C ASP C 333 -7.42 0.72 -0.66
N SER C 334 -6.70 -0.29 -0.13
CA SER C 334 -5.31 -0.16 0.30
C SER C 334 -5.14 0.83 1.44
N PHE C 335 -6.12 0.90 2.33
CA PHE C 335 -6.06 1.79 3.47
C PHE C 335 -6.58 1.10 4.72
N LEU C 336 -5.90 1.32 5.83
CA LEU C 336 -6.36 0.90 7.15
C LEU C 336 -6.89 2.13 7.88
N LYS C 337 -7.98 1.96 8.61
CA LYS C 337 -8.58 3.07 9.35
C LYS C 337 -8.90 2.63 10.76
N ILE C 338 -8.46 3.43 11.74
CA ILE C 338 -8.75 3.21 13.14
C ILE C 338 -9.90 4.12 13.54
N TRP C 339 -10.95 3.54 14.10
CA TRP C 339 -12.20 4.22 14.40
C TRP C 339 -12.43 4.24 15.90
N ASN C 340 -12.94 5.36 16.39
CA ASN C 340 -13.26 5.50 17.80
C ASN C 340 -14.39 6.50 18.01
N SER D 8 -18.04 -43.76 1.93
CA SER D 8 -18.73 -45.02 1.71
C SER D 8 -19.28 -45.57 3.02
N ILE D 9 -19.00 -46.85 3.28
CA ILE D 9 -19.48 -47.48 4.51
C ILE D 9 -18.74 -46.92 5.72
N ALA D 10 -17.41 -46.80 5.62
CA ALA D 10 -16.62 -46.29 6.74
C ALA D 10 -16.92 -44.82 7.01
N GLN D 11 -17.12 -44.02 5.95
CA GLN D 11 -17.46 -42.62 6.13
C GLN D 11 -18.83 -42.46 6.78
N ALA D 12 -19.80 -43.28 6.39
CA ALA D 12 -21.12 -43.23 6.99
C ALA D 12 -21.07 -43.69 8.45
N ARG D 13 -20.24 -44.69 8.76
CA ARG D 13 -20.08 -45.14 10.14
C ARG D 13 -19.45 -44.04 11.00
N LYS D 14 -18.45 -43.35 10.47
CA LYS D 14 -17.83 -42.24 11.19
C LYS D 14 -18.82 -41.10 11.39
N LEU D 15 -19.65 -40.82 10.39
CA LEU D 15 -20.67 -39.78 10.52
C LEU D 15 -21.71 -40.16 11.57
N VAL D 16 -22.11 -41.43 11.62
CA VAL D 16 -23.07 -41.90 12.62
C VAL D 16 -22.48 -41.79 14.01
N GLU D 17 -21.20 -42.17 14.17
CA GLU D 17 -20.55 -42.06 15.46
C GLU D 17 -20.40 -40.61 15.91
N GLN D 18 -20.06 -39.71 14.98
CA GLN D 18 -19.97 -38.29 15.30
C GLN D 18 -21.32 -37.71 15.69
N LEU D 19 -22.38 -38.10 14.97
CA LEU D 19 -23.72 -37.65 15.33
C LEU D 19 -24.18 -38.21 16.67
N LYS D 20 -23.78 -39.43 16.99
CA LYS D 20 -24.11 -39.99 18.30
C LYS D 20 -23.38 -39.27 19.42
N MET D 21 -22.12 -38.88 19.18
CA MET D 21 -21.41 -38.07 20.16
C MET D 21 -22.00 -36.68 20.29
N GLU D 22 -22.53 -36.11 19.19
CA GLU D 22 -23.14 -34.80 19.25
C GLU D 22 -24.51 -34.84 19.92
N ALA D 23 -25.24 -35.94 19.78
CA ALA D 23 -26.58 -36.03 20.35
C ALA D 23 -26.54 -36.20 21.86
N ASN D 24 -25.53 -36.89 22.39
CA ASN D 24 -25.42 -37.12 23.84
C ASN D 24 -24.64 -35.97 24.49
N ILE D 25 -25.24 -34.78 24.44
CA ILE D 25 -24.66 -33.57 24.98
C ILE D 25 -25.70 -32.90 25.87
N ASP D 26 -25.32 -32.62 27.12
CA ASP D 26 -26.22 -31.94 28.04
C ASP D 26 -26.42 -30.49 27.60
N ARG D 27 -27.67 -30.07 27.48
CA ARG D 27 -28.01 -28.73 27.01
C ARG D 27 -28.87 -28.02 28.05
N ILE D 28 -28.65 -26.72 28.19
CA ILE D 28 -29.49 -25.88 29.00
C ILE D 28 -30.47 -25.14 28.10
N LYS D 29 -31.48 -24.53 28.70
CA LYS D 29 -32.48 -23.80 27.93
C LYS D 29 -31.90 -22.51 27.38
N VAL D 30 -32.54 -22.00 26.32
CA VAL D 30 -32.08 -20.75 25.71
C VAL D 30 -32.40 -19.56 26.60
N SER D 31 -33.38 -19.66 27.49
CA SER D 31 -33.70 -18.56 28.39
C SER D 31 -32.57 -18.32 29.39
N LYS D 32 -32.04 -19.40 29.97
CA LYS D 32 -30.95 -19.27 30.93
C LYS D 32 -29.69 -18.74 30.26
N ALA D 33 -29.37 -19.24 29.07
CA ALA D 33 -28.18 -18.77 28.35
C ALA D 33 -28.32 -17.32 27.91
N ALA D 34 -29.51 -16.94 27.45
CA ALA D 34 -29.75 -15.55 27.08
C ALA D 34 -29.66 -14.62 28.29
N ALA D 35 -30.17 -15.07 29.43
CA ALA D 35 -30.04 -14.29 30.67
C ALA D 35 -28.58 -14.19 31.09
N ASP D 36 -27.79 -15.25 30.90
CA ASP D 36 -26.37 -15.19 31.20
C ASP D 36 -25.63 -14.21 30.30
N LEU D 37 -25.97 -14.19 29.01
CA LEU D 37 -25.37 -13.23 28.09
C LEU D 37 -25.75 -11.80 28.44
N MET D 38 -27.01 -11.58 28.79
CA MET D 38 -27.46 -10.24 29.20
C MET D 38 -26.77 -9.81 30.49
N ALA D 39 -26.60 -10.73 31.43
CA ALA D 39 -25.91 -10.42 32.68
C ALA D 39 -24.44 -10.10 32.46
N TYR D 40 -23.78 -10.83 31.55
CA TYR D 40 -22.39 -10.52 31.23
C TYR D 40 -22.27 -9.15 30.56
N CYS D 41 -23.20 -8.82 29.65
CA CYS D 41 -23.16 -7.52 29.02
C CYS D 41 -23.45 -6.39 30.01
N GLU D 42 -24.27 -6.67 31.03
CA GLU D 42 -24.53 -5.65 32.04
C GLU D 42 -23.34 -5.46 32.98
N ALA D 43 -22.69 -6.57 33.37
CA ALA D 43 -21.62 -6.49 34.36
C ALA D 43 -20.34 -5.88 33.79
N HIS D 44 -20.22 -5.78 32.46
CA HIS D 44 -19.04 -5.21 31.84
C HIS D 44 -19.38 -3.99 30.98
N ALA D 45 -20.53 -3.36 31.23
CA ALA D 45 -20.95 -2.22 30.42
C ALA D 45 -20.11 -0.99 30.67
N LYS D 46 -19.60 -0.82 31.89
CA LYS D 46 -18.78 0.35 32.20
C LYS D 46 -17.41 0.26 31.56
N GLU D 47 -16.92 -0.96 31.31
CA GLU D 47 -15.62 -1.15 30.68
C GLU D 47 -15.77 -1.40 29.18
N ASP D 48 -16.29 -0.39 28.48
CA ASP D 48 -16.48 -0.46 27.03
C ASP D 48 -16.35 0.94 26.46
N PRO D 49 -15.17 1.31 25.98
CA PRO D 49 -15.03 2.62 25.30
C PRO D 49 -15.82 2.72 24.01
N LEU D 50 -16.15 1.60 23.36
CA LEU D 50 -16.97 1.65 22.16
C LEU D 50 -18.42 1.98 22.51
N LEU D 51 -18.97 1.33 23.54
CA LEU D 51 -20.34 1.60 23.96
C LEU D 51 -20.47 2.96 24.61
N THR D 52 -19.57 3.28 25.53
CA THR D 52 -19.58 4.57 26.22
C THR D 52 -18.37 5.38 25.78
N PRO D 53 -18.57 6.50 25.07
CA PRO D 53 -17.43 7.31 24.62
C PRO D 53 -16.68 7.92 25.80
N VAL D 54 -15.37 8.06 25.61
CA VAL D 54 -14.48 8.55 26.66
C VAL D 54 -13.95 9.93 26.25
N PRO D 55 -13.59 10.79 27.20
CA PRO D 55 -13.02 12.10 26.82
C PRO D 55 -11.60 11.94 26.27
N ALA D 56 -11.07 13.07 25.79
CA ALA D 56 -9.76 13.07 25.15
C ALA D 56 -8.62 12.83 26.14
N SER D 57 -8.86 12.99 27.43
CA SER D 57 -7.83 12.72 28.43
C SER D 57 -7.50 11.23 28.51
N GLU D 58 -8.53 10.38 28.42
CA GLU D 58 -8.35 8.94 28.47
C GLU D 58 -8.34 8.28 27.10
N ASN D 59 -8.49 9.06 26.03
CA ASN D 59 -8.49 8.51 24.68
C ASN D 59 -7.10 8.63 24.08
N PRO D 60 -6.40 7.53 23.81
CA PRO D 60 -5.07 7.62 23.21
C PRO D 60 -5.08 7.91 21.72
N PHE D 61 -6.24 7.88 21.07
CA PHE D 61 -6.37 8.21 19.66
C PHE D 61 -7.04 9.59 19.54
N ARG D 62 -6.37 10.51 18.87
CA ARG D 62 -6.89 11.86 18.71
C ARG D 62 -6.30 12.54 17.47
N VAL E 2 27.46 -10.91 16.02
CA VAL E 2 27.42 -9.46 16.11
C VAL E 2 28.72 -8.94 16.70
N GLN E 3 29.46 -8.17 15.92
CA GLN E 3 30.72 -7.61 16.40
C GLN E 3 31.01 -6.30 15.69
N LEU E 4 31.72 -5.42 16.40
CA LEU E 4 32.19 -4.14 15.89
C LEU E 4 33.67 -4.01 16.25
N VAL E 5 34.53 -4.00 15.24
CA VAL E 5 35.96 -3.92 15.46
C VAL E 5 36.46 -2.59 14.92
N GLU E 6 36.95 -1.73 15.80
CA GLU E 6 37.48 -0.45 15.38
C GLU E 6 39.00 -0.54 15.18
N SER E 7 39.50 0.41 14.39
CA SER E 7 40.89 0.44 13.98
C SER E 7 41.32 1.89 13.79
N GLY E 8 42.64 2.10 13.80
CA GLY E 8 43.21 3.43 13.80
C GLY E 8 44.01 3.68 15.08
N GLY E 9 43.86 4.86 15.63
CA GLY E 9 44.49 5.17 16.90
C GLY E 9 45.99 5.34 16.78
N GLY E 10 46.62 5.37 17.95
CA GLY E 10 48.05 5.57 18.05
C GLY E 10 48.38 6.96 18.56
N LEU E 11 49.64 7.34 18.33
CA LEU E 11 50.17 8.61 18.82
C LEU E 11 50.15 9.63 17.68
N VAL E 12 49.47 10.76 17.92
CA VAL E 12 49.39 11.86 16.97
C VAL E 12 49.94 13.10 17.63
N GLN E 13 50.80 13.82 16.93
CA GLN E 13 51.23 15.13 17.40
C GLN E 13 50.04 16.09 17.36
N PRO E 14 49.97 17.04 18.29
CA PRO E 14 48.85 17.99 18.31
C PRO E 14 48.78 18.83 17.06
N GLY E 15 47.56 19.12 16.63
CA GLY E 15 47.32 19.78 15.36
C GLY E 15 47.28 18.85 14.16
N GLY E 16 47.36 17.54 14.37
CA GLY E 16 47.36 16.57 13.29
C GLY E 16 45.98 16.12 12.90
N SER E 17 45.93 14.98 12.21
CA SER E 17 44.69 14.43 11.71
C SER E 17 44.78 12.90 11.74
N ARG E 18 43.67 12.24 12.06
CA ARG E 18 43.63 10.79 12.01
C ARG E 18 42.20 10.34 11.73
N LYS E 19 42.06 9.27 10.94
CA LYS E 19 40.76 8.73 10.59
C LYS E 19 40.58 7.39 11.30
N LEU E 20 39.72 7.36 12.30
CA LEU E 20 39.34 6.12 12.96
C LEU E 20 38.29 5.40 12.12
N SER E 21 38.36 4.07 12.10
CA SER E 21 37.45 3.25 11.33
C SER E 21 36.82 2.21 12.23
N CYS E 22 35.68 1.69 11.79
CA CYS E 22 35.03 0.60 12.52
C CYS E 22 34.34 -0.30 11.51
N SER E 23 34.73 -1.58 11.51
CA SER E 23 34.11 -2.59 10.66
C SER E 23 33.03 -3.32 11.47
N ALA E 24 31.85 -3.41 10.88
CA ALA E 24 30.70 -4.04 11.51
C ALA E 24 30.43 -5.39 10.85
N SER E 25 30.17 -6.41 11.66
CA SER E 25 29.87 -7.73 11.16
C SER E 25 28.77 -8.34 12.00
N GLY E 26 28.01 -9.25 11.39
CA GLY E 26 27.02 -10.03 12.11
C GLY E 26 25.68 -9.37 12.31
N PHE E 27 25.43 -8.21 11.71
CA PHE E 27 24.12 -7.58 11.81
C PHE E 27 23.89 -6.69 10.60
N ALA E 28 22.62 -6.31 10.41
CA ALA E 28 22.22 -5.44 9.31
C ALA E 28 22.64 -4.01 9.60
N PHE E 29 23.84 -3.64 9.16
CA PHE E 29 24.49 -2.41 9.60
C PHE E 29 23.75 -1.15 9.13
N SER E 30 23.10 -1.21 7.97
CA SER E 30 22.44 -0.03 7.42
C SER E 30 21.17 0.34 8.19
N SER E 31 20.60 -0.58 8.94
CA SER E 31 19.38 -0.32 9.69
C SER E 31 19.63 0.24 11.07
N PHE E 32 20.89 0.39 11.48
CA PHE E 32 21.25 0.85 12.81
C PHE E 32 21.88 2.22 12.72
N GLY E 33 21.39 3.15 13.53
CA GLY E 33 22.15 4.36 13.79
C GLY E 33 23.41 4.06 14.58
N MET E 34 24.43 4.90 14.39
CA MET E 34 25.74 4.59 14.93
C MET E 34 26.23 5.78 15.74
N HIS E 35 26.94 5.48 16.82
CA HIS E 35 27.46 6.49 17.74
C HIS E 35 28.96 6.30 17.93
N TRP E 36 29.64 7.42 18.18
CA TRP E 36 31.02 7.42 18.66
C TRP E 36 31.00 7.98 20.07
N VAL E 37 31.50 7.20 21.03
CA VAL E 37 31.56 7.58 22.44
C VAL E 37 32.98 7.32 22.94
N ARG E 38 33.59 8.33 23.54
CA ARG E 38 34.96 8.20 24.01
C ARG E 38 35.01 8.18 25.53
N GLN E 39 36.07 7.55 26.05
CA GLN E 39 36.33 7.48 27.48
C GLN E 39 37.73 8.03 27.76
N ALA E 40 37.83 8.94 28.72
CA ALA E 40 39.12 9.47 29.13
C ALA E 40 39.94 8.36 29.79
N PRO E 41 41.28 8.48 29.78
CA PRO E 41 42.11 7.39 30.32
C PRO E 41 41.92 7.09 31.80
N GLU E 42 41.34 8.01 32.58
CA GLU E 42 41.06 7.75 33.98
C GLU E 42 39.67 8.19 34.40
N LYS E 43 38.82 8.62 33.46
CA LYS E 43 37.52 9.19 33.78
C LYS E 43 36.43 8.41 33.04
N GLY E 44 35.22 8.96 33.05
CA GLY E 44 34.04 8.26 32.57
C GLY E 44 33.80 8.42 31.09
N LEU E 45 32.57 8.08 30.68
CA LEU E 45 32.20 8.02 29.28
C LEU E 45 31.69 9.37 28.78
N GLU E 46 32.16 9.75 27.59
CA GLU E 46 31.78 11.01 26.96
C GLU E 46 31.31 10.73 25.54
N TRP E 47 30.13 11.24 25.21
CA TRP E 47 29.56 11.04 23.88
C TRP E 47 30.17 12.03 22.89
N VAL E 48 30.56 11.54 21.72
CA VAL E 48 31.25 12.35 20.71
C VAL E 48 30.33 12.68 19.55
N ALA E 49 29.82 11.67 18.86
CA ALA E 49 29.10 11.96 17.62
C ALA E 49 28.05 10.90 17.33
N TYR E 50 27.15 11.22 16.40
CA TYR E 50 26.09 10.30 16.02
C TYR E 50 25.70 10.51 14.57
N ILE E 51 25.50 9.39 13.87
CA ILE E 51 25.00 9.37 12.50
C ILE E 51 23.79 8.44 12.45
N SER E 52 22.76 8.85 11.73
CA SER E 52 21.52 8.08 11.71
C SER E 52 21.59 6.99 10.66
N SER E 53 20.51 6.21 10.57
CA SER E 53 20.38 5.21 9.52
C SER E 53 20.00 5.90 8.22
N GLY E 54 20.83 5.73 7.19
CA GLY E 54 20.65 6.44 5.95
C GLY E 54 21.35 7.78 5.87
N SER E 55 22.07 8.18 6.92
CA SER E 55 22.89 9.40 6.96
C SER E 55 22.05 10.66 6.71
N GLY E 56 20.85 10.70 7.29
CA GLY E 56 20.01 11.86 7.16
C GLY E 56 20.13 12.81 8.35
N THR E 57 20.78 12.36 9.41
CA THR E 57 20.94 13.15 10.62
C THR E 57 22.35 12.99 11.13
N ILE E 58 23.13 14.08 11.09
CA ILE E 58 24.54 14.06 11.42
C ILE E 58 24.73 15.04 12.57
N TYR E 59 24.86 14.53 13.79
CA TYR E 59 24.98 15.40 14.97
C TYR E 59 26.27 15.15 15.73
N TYR E 60 26.79 16.22 16.35
CA TYR E 60 28.10 16.24 16.96
C TYR E 60 28.03 16.84 18.35
N ALA E 61 29.05 16.57 19.16
CA ALA E 61 29.22 17.24 20.44
C ALA E 61 29.86 18.62 20.24
N ASP E 62 29.70 19.47 21.25
CA ASP E 62 30.18 20.84 21.15
C ASP E 62 31.70 20.93 21.18
N THR E 63 32.35 20.09 21.97
CA THR E 63 33.81 20.16 22.12
C THR E 63 34.56 19.62 20.91
N VAL E 64 33.88 18.89 20.02
CA VAL E 64 34.49 18.34 18.83
C VAL E 64 33.87 18.91 17.55
N LYS E 65 32.99 19.90 17.68
CA LYS E 65 32.28 20.43 16.52
C LYS E 65 33.20 21.30 15.67
N GLY E 66 33.17 21.07 14.36
CA GLY E 66 34.02 21.77 13.44
C GLY E 66 35.36 21.11 13.17
N ARG E 67 35.72 20.10 13.95
CA ARG E 67 36.97 19.36 13.77
C ARG E 67 36.77 17.90 13.46
N PHE E 68 35.67 17.29 13.91
CA PHE E 68 35.41 15.88 13.73
C PHE E 68 34.34 15.70 12.68
N THR E 69 34.49 14.67 11.84
CA THR E 69 33.52 14.36 10.80
C THR E 69 33.16 12.88 10.92
N ILE E 70 31.86 12.59 11.03
CA ILE E 70 31.38 11.21 11.12
C ILE E 70 30.72 10.85 9.81
N SER E 71 31.00 9.65 9.32
CA SER E 71 30.47 9.20 8.04
C SER E 71 30.35 7.68 8.05
N ARG E 72 29.63 7.15 7.07
CA ARG E 72 29.48 5.70 6.97
C ARG E 72 29.47 5.27 5.51
N ASP E 73 29.97 4.06 5.29
CA ASP E 73 29.87 3.35 4.01
C ASP E 73 29.10 2.07 4.28
N ASP E 74 27.82 2.06 3.90
CA ASP E 74 26.93 0.93 4.18
C ASP E 74 27.21 -0.30 3.32
N PRO E 75 27.53 -0.19 2.02
CA PRO E 75 28.02 -1.39 1.32
C PRO E 75 29.31 -1.95 1.89
N LYS E 76 30.18 -1.11 2.44
CA LYS E 76 31.41 -1.57 3.04
C LYS E 76 31.26 -1.92 4.52
N ASN E 77 30.08 -1.65 5.10
CA ASN E 77 29.77 -1.92 6.51
C ASN E 77 30.76 -1.23 7.45
N THR E 78 31.13 0.00 7.11
CA THR E 78 32.23 0.67 7.79
C THR E 78 31.78 2.05 8.27
N LEU E 79 32.24 2.43 9.46
CA LEU E 79 31.97 3.75 10.03
C LEU E 79 33.30 4.49 10.17
N PHE E 80 33.30 5.77 9.80
CA PHE E 80 34.51 6.58 9.80
C PHE E 80 34.33 7.79 10.70
N LEU E 81 35.41 8.13 11.43
CA LEU E 81 35.50 9.35 12.21
C LEU E 81 36.82 10.04 11.86
N GLN E 82 36.74 11.12 11.07
CA GLN E 82 37.92 11.87 10.67
C GLN E 82 38.16 13.01 11.65
N MET E 83 39.40 13.13 12.12
CA MET E 83 39.75 14.05 13.19
C MET E 83 40.82 15.01 12.70
N THR E 84 40.51 16.30 12.70
CA THR E 84 41.44 17.35 12.33
C THR E 84 41.66 18.27 13.52
N SER E 85 42.83 18.91 13.55
CA SER E 85 43.23 19.86 14.59
C SER E 85 43.12 19.26 15.99
N LEU E 86 43.90 18.21 16.21
CA LEU E 86 43.77 17.41 17.41
C LEU E 86 44.35 18.15 18.62
N ARG E 87 43.60 18.17 19.71
CA ARG E 87 44.05 18.72 20.98
C ARG E 87 44.50 17.60 21.90
N SER E 88 45.17 17.97 22.98
CA SER E 88 45.62 17.01 23.98
C SER E 88 44.49 16.47 24.83
N GLU E 89 43.29 17.06 24.75
CA GLU E 89 42.12 16.55 25.44
C GLU E 89 41.39 15.49 24.64
N ASP E 90 41.86 15.16 23.44
CA ASP E 90 41.28 14.10 22.62
C ASP E 90 41.92 12.75 22.88
N THR E 91 42.88 12.68 23.81
CA THR E 91 43.49 11.40 24.20
C THR E 91 42.46 10.56 24.93
N ALA E 92 42.02 9.48 24.30
CA ALA E 92 40.87 8.75 24.83
C ALA E 92 40.84 7.33 24.28
N MET E 93 39.80 6.61 24.67
CA MET E 93 39.50 5.24 24.27
C MET E 93 38.15 5.31 23.57
N TYR E 94 38.14 5.12 22.26
CA TYR E 94 36.98 5.39 21.43
C TYR E 94 36.20 4.10 21.16
N TYR E 95 34.89 4.15 21.41
CA TYR E 95 33.98 3.03 21.22
C TYR E 95 32.96 3.41 20.17
N CYS E 96 32.62 2.43 19.34
CA CYS E 96 31.58 2.57 18.33
C CYS E 96 30.35 1.80 18.79
N VAL E 97 29.20 2.49 18.83
CA VAL E 97 28.02 2.00 19.52
C VAL E 97 26.89 1.85 18.50
N ARG E 98 26.15 0.74 18.63
CA ARG E 98 25.02 0.41 17.78
C ARG E 98 23.72 0.84 18.44
N SER E 99 22.81 1.45 17.67
CA SER E 99 21.57 1.95 18.25
C SER E 99 20.46 1.97 17.21
N ILE E 100 19.41 1.18 17.44
CA ILE E 100 18.22 1.21 16.59
C ILE E 100 17.10 1.86 17.39
N TYR E 101 16.16 2.46 16.67
CA TYR E 101 15.08 3.23 17.29
C TYR E 101 13.76 2.92 16.62
N TYR E 102 12.87 2.22 17.33
CA TYR E 102 11.47 2.11 16.98
C TYR E 102 10.70 1.88 18.28
N TYR E 103 9.43 1.53 18.16
CA TYR E 103 8.62 1.29 19.35
C TYR E 103 9.06 0.00 20.03
N GLY E 104 9.55 0.12 21.25
CA GLY E 104 10.01 -1.04 21.99
C GLY E 104 11.40 -1.51 21.65
N SER E 105 12.19 -0.69 20.97
CA SER E 105 13.54 -1.08 20.58
C SER E 105 14.49 -0.96 21.78
N SER E 106 15.74 -1.37 21.55
CA SER E 106 16.76 -1.37 22.60
C SER E 106 18.00 -0.64 22.09
N PRO E 107 18.02 0.69 22.19
CA PRO E 107 19.19 1.45 21.75
C PRO E 107 20.39 1.24 22.66
N PHE E 108 21.57 1.53 22.10
CA PHE E 108 22.86 1.39 22.78
C PHE E 108 23.08 -0.04 23.28
N ASP E 109 22.68 -1.01 22.46
CA ASP E 109 22.68 -2.40 22.91
C ASP E 109 24.05 -3.04 22.77
N PHE E 110 24.80 -2.71 21.73
CA PHE E 110 26.10 -3.32 21.49
C PHE E 110 27.18 -2.26 21.35
N TRP E 111 28.34 -2.55 21.91
CA TRP E 111 29.49 -1.65 21.89
C TRP E 111 30.68 -2.35 21.27
N GLY E 112 31.57 -1.54 20.68
CA GLY E 112 32.80 -2.07 20.11
C GLY E 112 33.89 -2.19 21.16
N GLN E 113 35.04 -2.71 20.71
CA GLN E 113 36.17 -2.89 21.62
C GLN E 113 36.88 -1.56 21.90
N GLY E 114 36.97 -0.70 20.91
CA GLY E 114 37.54 0.61 21.06
C GLY E 114 38.99 0.68 20.57
N THR E 115 39.43 1.90 20.29
CA THR E 115 40.82 2.17 19.94
C THR E 115 41.36 3.30 20.80
N THR E 116 42.66 3.23 21.08
CA THR E 116 43.32 4.23 21.92
C THR E 116 43.96 5.29 21.04
N LEU E 117 43.67 6.56 21.34
CA LEU E 117 44.28 7.69 20.67
C LEU E 117 44.99 8.55 21.69
N THR E 118 46.27 8.84 21.45
CA THR E 118 47.09 9.64 22.36
C THR E 118 47.65 10.84 21.60
N VAL E 119 47.37 12.03 22.12
CA VAL E 119 47.89 13.28 21.58
C VAL E 119 48.93 13.82 22.56
N SER E 120 50.13 14.07 22.06
CA SER E 120 51.21 14.53 22.91
C SER E 120 51.06 16.01 23.23
N SER E 121 51.94 16.50 24.11
CA SER E 121 51.91 17.89 24.52
C SER E 121 53.18 18.61 24.09
N SER E 136 22.98 24.44 28.81
CA SER E 136 21.80 23.91 28.13
C SER E 136 21.88 22.40 27.97
N ASP E 137 22.65 21.76 28.86
CA ASP E 137 22.84 20.32 28.83
C ASP E 137 22.40 19.72 30.16
N ILE E 138 21.78 18.54 30.08
CA ILE E 138 21.36 17.84 31.29
C ILE E 138 22.59 17.30 32.01
N VAL E 139 22.72 17.64 33.29
CA VAL E 139 23.83 17.18 34.11
C VAL E 139 23.37 15.93 34.85
N MET E 140 24.00 14.80 34.57
CA MET E 140 23.71 13.54 35.24
C MET E 140 24.66 13.38 36.41
N THR E 141 24.11 13.33 37.62
CA THR E 141 24.91 13.34 38.84
C THR E 141 24.57 12.11 39.66
N GLN E 142 25.59 11.33 39.97
CA GLN E 142 25.47 10.21 40.91
C GLN E 142 26.68 10.23 41.84
N ALA E 143 26.44 10.67 43.08
CA ALA E 143 27.52 10.94 44.03
C ALA E 143 28.15 9.68 44.61
N THR E 144 27.51 8.52 44.46
CA THR E 144 28.07 7.29 44.97
C THR E 144 29.28 6.88 44.14
N SER E 145 30.37 6.54 44.83
CA SER E 145 31.58 6.06 44.17
C SER E 145 32.35 5.20 45.15
N SER E 146 33.00 4.15 44.63
CA SER E 146 33.79 3.20 45.41
C SER E 146 32.96 2.56 46.52
N VAL E 147 31.77 2.08 46.15
CA VAL E 147 30.86 1.45 47.10
C VAL E 147 31.34 0.04 47.40
N PRO E 148 31.63 -0.28 48.66
CA PRO E 148 32.04 -1.66 49.00
C PRO E 148 30.83 -2.60 48.98
N VAL E 149 31.00 -3.74 48.34
CA VAL E 149 29.90 -4.69 48.15
C VAL E 149 30.32 -6.06 48.65
N THR E 150 29.31 -6.88 48.97
CA THR E 150 29.49 -8.24 49.40
C THR E 150 28.63 -9.16 48.53
N PRO E 151 29.17 -10.28 48.08
CA PRO E 151 28.36 -11.23 47.29
C PRO E 151 27.19 -11.77 48.10
N GLY E 152 26.06 -11.95 47.42
CA GLY E 152 24.84 -12.37 48.07
C GLY E 152 24.05 -11.26 48.72
N GLU E 153 24.42 -10.00 48.50
CA GLU E 153 23.76 -8.86 49.11
C GLU E 153 23.17 -7.95 48.03
N SER E 154 22.06 -7.30 48.37
CA SER E 154 21.40 -6.38 47.45
C SER E 154 22.04 -5.01 47.54
N VAL E 155 22.39 -4.43 46.40
CA VAL E 155 23.02 -3.12 46.34
C VAL E 155 22.18 -2.21 45.44
N SER E 156 22.06 -0.94 45.82
CA SER E 156 21.31 0.05 45.08
C SER E 156 22.22 1.20 44.68
N ILE E 157 22.20 1.57 43.41
CA ILE E 157 22.96 2.68 42.87
C ILE E 157 21.99 3.78 42.48
N SER E 158 22.21 4.99 42.98
CA SER E 158 21.30 6.10 42.74
C SER E 158 21.75 6.92 41.54
N CYS E 159 20.81 7.72 41.03
CA CYS E 159 21.08 8.58 39.88
C CYS E 159 20.16 9.79 39.94
N ARG E 160 20.72 10.96 39.62
CA ARG E 160 19.96 12.20 39.63
C ARG E 160 20.18 12.93 38.30
N SER E 161 19.13 13.61 37.85
CA SER E 161 19.14 14.35 36.60
C SER E 161 18.74 15.79 36.86
N SER E 162 19.39 16.73 36.16
CA SER E 162 19.05 18.14 36.31
C SER E 162 17.65 18.43 35.76
N LYS E 163 17.32 17.85 34.62
CA LYS E 163 16.00 17.98 34.02
C LYS E 163 15.23 16.68 34.18
N SER E 164 13.92 16.79 34.34
CA SER E 164 13.06 15.62 34.48
C SER E 164 13.04 14.81 33.19
N LEU E 165 13.26 13.51 33.31
CA LEU E 165 13.39 12.63 32.16
C LEU E 165 12.07 11.96 31.77
N LEU E 166 10.97 12.30 32.43
CA LEU E 166 9.66 11.73 32.12
C LEU E 166 9.05 12.57 31.00
N HIS E 167 9.08 12.03 29.78
CA HIS E 167 8.50 12.70 28.63
C HIS E 167 6.97 12.59 28.66
N SER E 168 6.32 13.35 27.79
CA SER E 168 4.87 13.38 27.71
C SER E 168 4.27 12.09 27.15
N ASN E 169 5.09 11.21 26.55
CA ASN E 169 4.59 9.95 26.02
C ASN E 169 4.62 8.82 27.05
N GLY E 170 4.99 9.12 28.29
CA GLY E 170 5.04 8.12 29.34
C GLY E 170 6.36 7.42 29.50
N ASN E 171 7.35 7.71 28.65
CA ASN E 171 8.65 7.05 28.69
C ASN E 171 9.63 7.86 29.51
N THR E 172 10.48 7.17 30.27
CA THR E 172 11.58 7.78 31.00
C THR E 172 12.87 7.33 30.34
N TYR E 173 13.59 8.29 29.76
CA TYR E 173 14.75 7.99 28.92
C TYR E 173 15.99 7.89 29.80
N LEU E 174 16.12 6.76 30.46
CA LEU E 174 17.22 6.48 31.37
C LEU E 174 17.89 5.16 31.00
N TYR E 175 19.21 5.20 30.82
CA TYR E 175 19.98 4.04 30.41
C TYR E 175 21.00 3.72 31.49
N TRP E 176 21.07 2.45 31.88
CA TRP E 176 22.03 1.95 32.86
C TRP E 176 22.99 1.00 32.15
N PHE E 177 24.29 1.31 32.27
CA PHE E 177 25.37 0.54 31.65
C PHE E 177 26.33 0.01 32.71
N LEU E 178 27.00 -1.08 32.38
CA LEU E 178 28.00 -1.70 33.24
C LEU E 178 29.33 -1.79 32.52
N GLN E 179 30.40 -1.36 33.18
CA GLN E 179 31.77 -1.37 32.66
C GLN E 179 32.58 -2.33 33.51
N ARG E 180 32.81 -3.52 32.99
CA ARG E 180 33.68 -4.48 33.65
C ARG E 180 35.15 -4.14 33.35
N PRO E 181 36.07 -4.54 34.22
CA PRO E 181 37.49 -4.21 34.00
C PRO E 181 38.03 -4.85 32.73
N GLY E 182 38.54 -4.02 31.83
CA GLY E 182 39.07 -4.49 30.57
C GLY E 182 38.03 -4.85 29.53
N GLN E 183 36.78 -4.43 29.73
CA GLN E 183 35.69 -4.79 28.84
C GLN E 183 34.92 -3.55 28.43
N SER E 184 34.24 -3.64 27.29
CA SER E 184 33.40 -2.57 26.79
C SER E 184 32.15 -2.44 27.66
N PRO E 185 31.52 -1.26 27.66
CA PRO E 185 30.25 -1.12 28.40
C PRO E 185 29.16 -2.02 27.83
N GLN E 186 28.32 -2.52 28.72
CA GLN E 186 27.21 -3.38 28.37
C GLN E 186 25.92 -2.73 28.82
N LEU E 187 24.89 -2.79 27.98
CA LEU E 187 23.60 -2.21 28.31
C LEU E 187 22.89 -3.11 29.31
N LEU E 188 22.67 -2.60 30.52
CA LEU E 188 21.88 -3.31 31.52
C LEU E 188 20.40 -2.97 31.37
N ILE E 189 20.06 -1.69 31.33
CA ILE E 189 18.67 -1.27 31.24
C ILE E 189 18.57 -0.14 30.23
N TYR E 190 17.65 -0.28 29.25
CA TYR E 190 17.57 0.70 28.17
C TYR E 190 16.56 1.81 28.44
N ARG E 191 15.31 1.49 28.68
CA ARG E 191 14.38 2.47 29.24
C ARG E 191 14.04 2.04 30.65
N MET E 192 13.47 2.96 31.43
CA MET E 192 13.26 2.72 32.85
C MET E 192 12.35 1.53 33.09
N SER E 193 12.84 0.58 33.91
CA SER E 193 12.22 -0.71 34.16
C SER E 193 12.05 -1.51 32.86
N ASN E 194 13.18 -1.67 32.14
CA ASN E 194 13.24 -2.54 30.97
C ASN E 194 14.61 -3.19 30.94
N LEU E 195 14.66 -4.48 31.19
CA LEU E 195 15.92 -5.22 31.17
C LEU E 195 16.30 -5.58 29.73
N ALA E 196 17.59 -5.49 29.44
CA ALA E 196 18.09 -5.83 28.12
C ALA E 196 18.15 -7.35 27.95
N SER E 197 18.34 -7.78 26.71
CA SER E 197 18.42 -9.20 26.41
C SER E 197 19.74 -9.78 26.92
N GLY E 198 19.65 -10.93 27.59
CA GLY E 198 20.82 -11.57 28.15
C GLY E 198 21.16 -11.15 29.56
N VAL E 199 20.46 -10.16 30.12
CA VAL E 199 20.70 -9.70 31.47
C VAL E 199 19.86 -10.54 32.44
N PRO E 200 20.47 -11.13 33.47
CA PRO E 200 19.70 -11.94 34.42
C PRO E 200 18.72 -11.09 35.23
N ASP E 201 17.66 -11.76 35.71
CA ASP E 201 16.57 -11.06 36.37
C ASP E 201 16.86 -10.78 37.83
N ARG E 202 18.03 -10.20 38.11
CA ARG E 202 18.33 -9.62 39.41
C ARG E 202 18.60 -8.13 39.33
N PHE E 203 18.77 -7.58 38.14
CA PHE E 203 18.85 -6.15 37.94
C PHE E 203 17.45 -5.59 37.76
N SER E 204 17.14 -4.53 38.51
CA SER E 204 15.86 -3.84 38.39
C SER E 204 16.11 -2.35 38.38
N GLY E 205 15.29 -1.63 37.62
CA GLY E 205 15.44 -0.20 37.54
C GLY E 205 14.16 0.53 37.86
N SER E 206 14.20 1.46 38.80
CA SER E 206 13.01 2.20 39.17
C SER E 206 13.36 3.67 39.37
N GLY E 207 12.33 4.48 39.53
CA GLY E 207 12.53 5.89 39.78
C GLY E 207 11.35 6.69 39.27
N SER E 208 11.43 8.00 39.51
CA SER E 208 10.41 8.93 39.06
C SER E 208 11.05 10.30 38.90
N GLY E 209 10.65 11.02 37.85
CA GLY E 209 11.10 12.37 37.61
C GLY E 209 12.59 12.49 37.41
N THR E 210 13.27 13.06 38.42
CA THR E 210 14.71 13.25 38.39
C THR E 210 15.46 12.26 39.28
N ALA E 211 14.76 11.35 39.95
CA ALA E 211 15.40 10.41 40.86
C ALA E 211 15.30 8.99 40.29
N PHE E 212 16.41 8.27 40.28
CA PHE E 212 16.46 6.93 39.73
C PHE E 212 17.32 6.02 40.60
N THR E 213 17.08 4.72 40.49
CA THR E 213 17.90 3.75 41.20
C THR E 213 17.93 2.43 40.44
N LEU E 214 19.08 1.76 40.56
CA LEU E 214 19.35 0.44 40.00
C LEU E 214 19.61 -0.51 41.15
N THR E 215 18.84 -1.59 41.24
CA THR E 215 18.94 -2.54 42.33
C THR E 215 19.41 -3.88 41.82
N ILE E 216 20.48 -4.40 42.43
CA ILE E 216 20.97 -5.75 42.20
C ILE E 216 20.62 -6.58 43.41
N SER E 217 19.83 -7.64 43.20
CA SER E 217 19.28 -8.41 44.31
C SER E 217 20.34 -9.25 44.99
N ARG E 218 21.17 -9.95 44.21
CA ARG E 218 22.24 -10.77 44.76
C ARG E 218 23.38 -10.79 43.75
N LEU E 219 24.37 -9.93 43.96
CA LEU E 219 25.42 -9.75 42.97
C LEU E 219 26.42 -10.90 43.01
N GLU E 220 26.92 -11.26 41.83
CA GLU E 220 27.98 -12.25 41.69
C GLU E 220 29.32 -11.51 41.54
N ALA E 221 30.37 -12.27 41.29
CA ALA E 221 31.68 -11.66 41.05
C ALA E 221 31.75 -10.99 39.69
N GLU E 222 30.86 -11.35 38.76
CA GLU E 222 30.82 -10.71 37.46
C GLU E 222 30.13 -9.36 37.47
N ASP E 223 29.47 -8.99 38.58
CA ASP E 223 28.81 -7.70 38.71
C ASP E 223 29.71 -6.63 39.31
N VAL E 224 31.03 -6.80 39.20
CA VAL E 224 32.01 -5.85 39.72
C VAL E 224 32.46 -4.96 38.57
N GLY E 225 32.30 -3.65 38.73
CA GLY E 225 32.66 -2.72 37.68
C GLY E 225 32.14 -1.33 38.00
N VAL E 226 32.06 -0.50 36.96
CA VAL E 226 31.60 0.87 37.08
C VAL E 226 30.25 1.00 36.40
N TYR E 227 29.27 1.56 37.10
CA TYR E 227 27.90 1.62 36.62
C TYR E 227 27.61 3.05 36.17
N TYR E 228 27.14 3.19 34.93
CA TYR E 228 27.01 4.49 34.29
C TYR E 228 25.55 4.79 33.96
N CYS E 229 25.16 6.04 34.19
CA CYS E 229 23.88 6.57 33.76
C CYS E 229 24.01 7.24 32.40
N MET E 230 22.91 7.24 31.67
CA MET E 230 22.82 8.01 30.44
C MET E 230 21.39 8.49 30.27
N GLN E 231 21.22 9.70 29.76
CA GLN E 231 19.90 10.20 29.38
C GLN E 231 19.76 10.23 27.88
N HIS E 232 18.52 10.12 27.41
CA HIS E 232 18.21 10.19 25.98
C HIS E 232 17.00 11.09 25.73
N LEU E 233 16.72 12.05 26.60
CA LEU E 233 15.60 12.97 26.31
C LEU E 233 16.04 13.96 25.22
N GLU E 234 17.29 14.38 25.23
CA GLU E 234 17.73 15.43 24.30
C GLU E 234 19.17 15.18 23.88
N TYR E 235 19.55 15.63 22.69
CA TYR E 235 20.94 15.51 22.20
C TYR E 235 21.64 16.84 22.37
N PRO E 236 22.48 17.04 23.41
CA PRO E 236 23.67 16.23 23.59
C PRO E 236 23.38 15.11 24.59
N LEU E 237 23.99 13.95 24.41
CA LEU E 237 23.69 12.80 25.28
C LEU E 237 24.74 12.74 26.38
N THR E 238 24.39 13.12 27.60
CA THR E 238 25.34 13.23 28.69
C THR E 238 25.28 12.00 29.59
N PHE E 239 26.45 11.57 30.04
CA PHE E 239 26.58 10.49 31.00
C PHE E 239 26.72 11.07 32.40
N GLY E 240 26.82 10.17 33.38
CA GLY E 240 27.16 10.54 34.74
C GLY E 240 28.49 9.90 35.11
N ALA E 241 29.20 10.55 36.03
CA ALA E 241 30.45 9.98 36.55
C ALA E 241 30.13 8.72 37.32
N GLY E 242 30.64 7.59 36.83
CA GLY E 242 30.10 6.30 37.22
C GLY E 242 30.39 5.92 38.66
N THR E 243 29.59 4.97 39.13
CA THR E 243 29.72 4.41 40.48
C THR E 243 30.45 3.07 40.37
N LYS E 244 31.57 2.96 41.07
CA LYS E 244 32.42 1.77 41.02
C LYS E 244 32.09 0.85 42.20
N LEU E 245 31.88 -0.43 41.90
CA LEU E 245 31.64 -1.45 42.92
C LEU E 245 32.89 -2.29 43.06
N GLU E 246 33.34 -2.48 44.30
CA GLU E 246 34.54 -3.26 44.58
C GLU E 246 34.27 -4.19 45.74
N LEU E 247 34.83 -5.41 45.66
CA LEU E 247 34.66 -6.41 46.70
C LEU E 247 35.46 -6.03 47.95
C1 U99 F . -1.30 35.27 -25.90
C2 U99 F . -0.62 37.51 -25.87
C3 U99 F . 0.99 38.19 -27.51
C4 U99 F . 1.56 37.57 -28.77
C5 U99 F . 2.84 38.26 -29.22
C6 U99 F . 3.37 37.52 -30.42
O2 U99 F . -0.25 37.54 -27.22
C10 U99 F . 3.97 40.46 -29.82
C11 U99 F . 3.96 41.99 -29.74
C12 U99 F . 3.62 42.40 -28.32
C13 U99 F . 3.84 43.87 -28.02
C14 U99 F . 2.28 43.77 -26.12
C15 U99 F . 2.44 44.10 -24.67
C16 U99 F . 2.96 45.29 -24.12
C17 U99 F . 2.91 45.16 -22.79
C18 U99 F . 2.12 43.32 -23.63
C19 U99 F . 2.11 42.28 -26.39
C20 U99 F . 2.19 41.95 -27.89
C21 U99 F . 1.13 42.82 -28.61
C22 U99 F . 2.09 40.41 -28.13
C23 U99 F . 0.83 39.69 -27.69
C7 U99 F . 5.26 36.62 -31.48
C8 U99 F . 2.62 39.79 -29.47
C9 U99 F . 1.63 40.00 -30.63
O1 U99 F . -1.65 36.61 -25.60
O3 U99 F . 2.69 37.06 -31.30
O4 U99 F . 4.69 37.37 -30.39
O5 U99 F . 4.37 44.66 -28.77
O6 U99 F . 3.48 44.31 -26.79
O7 U99 F . 2.39 43.95 -22.46
O8 U99 F . -0.25 40.22 -27.51
#